data_5WB8
#
_entry.id   5WB8
#
_cell.length_a   104.050
_cell.length_b   104.050
_cell.length_c   285.940
_cell.angle_alpha   90.000
_cell.angle_beta   90.000
_cell.angle_gamma   90.000
#
_symmetry.space_group_name_H-M   'P 43 2 2'
#
loop_
_entity.id
_entity.type
_entity.pdbx_description
1 polymer 'Epidermal growth factor receptor'
2 polymer Epigen
3 branched 2-acetamido-2-deoxy-beta-D-glucopyranose-(1-4)-2-acetamido-2-deoxy-beta-D-glucopyranose
4 branched beta-D-mannopyranose-(1-4)-2-acetamido-2-deoxy-beta-D-glucopyranose-(1-4)-2-acetamido-2-deoxy-beta-D-glucopyranose
5 branched alpha-D-mannopyranose-(1-3)-beta-D-mannopyranose-(1-4)-2-acetamido-2-deoxy-beta-D-glucopyranose-(1-4)-2-acetamido-2-deoxy-beta-D-glucopyranose
6 water water
#
loop_
_entity_poly.entity_id
_entity_poly.type
_entity_poly.pdbx_seq_one_letter_code
_entity_poly.pdbx_strand_id
1 'polypeptide(L)'
;LEEKKVCQGTSNKLTQLGTFEDHFLSLQRMFNNCEVVLGNLEITYVQRNYDLSFLKTIQEVAGYVLIALNTVERIPLENL
QIIRGNMYYENSYALAVLSNYDANKTGLKELPMRNLQEILHGAVRFSNNPALCNVESIQWRDIVSSDFLSNMSMDFQNHL
GSCQKCDPSCPNGSCWGAGEENCQKLTKIICAQQCSGRCRGKSPSDCCHNQCAAGCTGPRESDCLVCRKFRDEATCKDTC
PPLMLYNPTTYQMDVNPEGKYSFGATCVKKCPRNYVVTDHGSCVRACGADSYEMEEDGVRKCKKCEGPCRKVCNGIGIGE
FKDSLSINATNIKHFKNCTSISGDLHILPVAFRGDSFTHTPPLDPQELDILKTVKEITGFLLIQAWPENRTDLHAFENLE
IIRGRTKQHGQFSLAVVSLNITSLGLRSLKEISDGDVIISGNKNLCYANTINWKKLFGTSGQKTKIISNRGENSCKATGQ
VCHALCSPEGCWGPEPRDCVSHHHHHH
;
A,D
2 'polypeptide(L)' SEGPIALKFSHLCLEDHNSYCINGACAFHHELEKAICRCFTGYTGERCEHLTLTSYAVDSY B,C
#
loop_
_chem_comp.id
_chem_comp.type
_chem_comp.name
_chem_comp.formula
BMA D-saccharide, beta linking beta-D-mannopyranose 'C6 H12 O6'
MAN D-saccharide, alpha linking alpha-D-mannopyranose 'C6 H12 O6'
NAG D-saccharide, beta linking 2-acetamido-2-deoxy-beta-D-glucopyranose 'C8 H15 N O6'
#
# COMPACT_ATOMS: atom_id res chain seq x y z
N GLU A 3 8.50 -19.04 32.26
CA GLU A 3 7.23 -18.74 31.62
C GLU A 3 7.34 -18.85 30.10
N LYS A 4 6.19 -18.94 29.43
CA LYS A 4 6.14 -19.09 27.99
C LYS A 4 6.02 -17.73 27.30
N LYS A 5 6.36 -17.71 26.02
CA LYS A 5 6.17 -16.51 25.21
C LYS A 5 4.69 -16.37 24.85
N VAL A 6 4.13 -15.19 25.12
CA VAL A 6 2.71 -14.98 24.99
C VAL A 6 2.43 -13.89 23.96
N CYS A 7 1.26 -13.98 23.34
CA CYS A 7 0.70 -12.93 22.49
C CYS A 7 -0.76 -12.74 22.88
N GLN A 8 -1.41 -11.75 22.28
CA GLN A 8 -2.79 -11.44 22.64
C GLN A 8 -3.81 -12.12 21.74
N GLY A 9 -3.45 -12.45 20.50
CA GLY A 9 -4.40 -12.99 19.57
C GLY A 9 -5.14 -11.88 18.82
N THR A 10 -6.28 -12.26 18.24
CA THR A 10 -7.07 -11.33 17.44
C THR A 10 -8.55 -11.55 17.73
N SER A 11 -9.36 -10.56 17.34
CA SER A 11 -10.81 -10.63 17.43
C SER A 11 -11.42 -10.04 16.17
N ASN A 12 -11.00 -10.56 15.01
CA ASN A 12 -11.44 -10.04 13.72
C ASN A 12 -12.49 -10.92 13.05
N LYS A 13 -12.62 -12.18 13.46
CA LYS A 13 -13.59 -13.13 12.91
C LYS A 13 -13.26 -13.30 11.42
N LEU A 14 -14.25 -13.21 10.52
CA LEU A 14 -14.04 -13.44 9.09
C LEU A 14 -13.84 -12.15 8.31
N THR A 15 -13.28 -11.12 8.95
CA THR A 15 -12.94 -9.88 8.28
C THR A 15 -11.51 -9.96 7.75
N GLN A 16 -11.30 -9.42 6.55
CA GLN A 16 -9.98 -9.39 5.94
C GLN A 16 -9.36 -8.01 6.12
N LEU A 17 -8.04 -7.99 6.22
CA LEU A 17 -7.27 -6.75 6.34
C LEU A 17 -6.44 -6.54 5.07
N GLY A 18 -6.71 -5.43 4.38
CA GLY A 18 -5.91 -5.08 3.21
C GLY A 18 -5.97 -6.15 2.14
N THR A 19 -4.79 -6.56 1.67
CA THR A 19 -4.67 -7.60 0.67
C THR A 19 -4.35 -8.93 1.36
N PHE A 20 -4.13 -9.96 0.54
CA PHE A 20 -3.70 -11.24 1.08
C PHE A 20 -2.33 -11.12 1.74
N GLU A 21 -1.41 -10.38 1.10
CA GLU A 21 -0.09 -10.17 1.67
C GLU A 21 -0.16 -9.37 2.96
N ASP A 22 -1.04 -8.36 3.00
CA ASP A 22 -1.18 -7.55 4.21
C ASP A 22 -1.74 -8.39 5.36
N HIS A 23 -2.80 -9.15 5.09
CA HIS A 23 -3.38 -10.02 6.10
C HIS A 23 -2.34 -11.01 6.62
N PHE A 24 -1.59 -11.64 5.71
CA PHE A 24 -0.57 -12.60 6.13
C PHE A 24 0.52 -11.92 6.95
N LEU A 25 0.87 -10.67 6.60
CA LEU A 25 1.86 -9.94 7.38
C LEU A 25 1.35 -9.68 8.79
N SER A 26 0.06 -9.36 8.94
CA SER A 26 -0.50 -9.14 10.26
C SER A 26 -0.50 -10.43 11.08
N LEU A 27 -0.96 -11.53 10.48
CA LEU A 27 -0.98 -12.81 11.20
C LEU A 27 0.43 -13.21 11.63
N GLN A 28 1.38 -13.20 10.70
CA GLN A 28 2.75 -13.58 11.01
C GLN A 28 3.35 -12.67 12.07
N ARG A 29 3.12 -11.37 11.96
CA ARG A 29 3.65 -10.42 12.94
C ARG A 29 2.95 -10.51 14.29
N MET A 30 1.79 -11.17 14.36
CA MET A 30 1.08 -11.30 15.63
C MET A 30 1.43 -12.60 16.35
N PHE A 31 1.50 -13.72 15.64
CA PHE A 31 1.74 -15.01 16.28
C PHE A 31 3.18 -15.49 16.10
N ASN A 32 4.11 -14.60 15.73
CA ASN A 32 5.52 -14.92 15.62
C ASN A 32 6.04 -15.42 16.98
N ASN A 33 6.45 -16.69 17.04
CA ASN A 33 7.01 -17.32 18.24
C ASN A 33 6.05 -17.27 19.43
N CYS A 34 4.74 -17.23 19.16
CA CYS A 34 3.76 -17.22 20.24
C CYS A 34 3.47 -18.64 20.70
N GLU A 35 3.66 -18.90 21.99
CA GLU A 35 3.35 -20.20 22.58
C GLU A 35 2.04 -20.20 23.36
N VAL A 36 1.66 -19.06 23.94
CA VAL A 36 0.43 -18.92 24.69
C VAL A 36 -0.36 -17.78 24.08
N VAL A 37 -1.52 -18.09 23.53
CA VAL A 37 -2.39 -17.09 22.92
C VAL A 37 -3.42 -16.69 23.99
N LEU A 38 -3.23 -15.50 24.57
CA LEU A 38 -4.12 -15.04 25.63
C LEU A 38 -5.55 -14.85 25.15
N GLY A 39 -5.75 -14.60 23.86
CA GLY A 39 -7.07 -14.41 23.32
C GLY A 39 -7.47 -15.49 22.33
N ASN A 40 -7.78 -15.08 21.10
CA ASN A 40 -8.26 -15.99 20.06
C ASN A 40 -7.19 -16.16 18.99
N LEU A 41 -7.09 -17.37 18.46
CA LEU A 41 -6.22 -17.67 17.32
C LEU A 41 -7.08 -17.74 16.07
N GLU A 42 -6.91 -16.75 15.18
CA GLU A 42 -7.71 -16.64 13.97
C GLU A 42 -6.80 -16.74 12.76
N ILE A 43 -6.99 -17.80 11.97
CA ILE A 43 -6.25 -18.04 10.75
C ILE A 43 -7.25 -17.98 9.61
N THR A 44 -7.23 -16.86 8.88
CA THR A 44 -8.13 -16.64 7.75
C THR A 44 -7.34 -16.13 6.55
N TYR A 45 -7.79 -16.53 5.36
CA TYR A 45 -7.28 -16.01 4.09
C TYR A 45 -5.80 -16.28 3.87
N VAL A 46 -5.31 -17.43 4.34
CA VAL A 46 -3.96 -17.86 4.01
C VAL A 46 -4.02 -18.63 2.69
N GLN A 47 -3.20 -18.21 1.74
CA GLN A 47 -3.34 -18.62 0.35
C GLN A 47 -2.19 -19.51 -0.11
N ARG A 48 -2.46 -20.24 -1.20
CA ARG A 48 -1.47 -20.83 -2.11
C ARG A 48 -0.33 -21.46 -1.31
N ASN A 49 0.92 -21.07 -1.57
CA ASN A 49 2.09 -21.67 -0.94
C ASN A 49 2.65 -20.81 0.20
N TYR A 50 1.80 -20.01 0.84
CA TYR A 50 2.24 -19.23 1.99
C TYR A 50 2.69 -20.16 3.11
N ASP A 51 3.81 -19.82 3.73
CA ASP A 51 4.40 -20.66 4.75
C ASP A 51 3.84 -20.28 6.12
N LEU A 52 3.35 -21.27 6.86
CA LEU A 52 2.76 -21.06 8.17
C LEU A 52 3.50 -21.83 9.26
N SER A 53 4.76 -22.22 9.01
CA SER A 53 5.49 -23.04 9.97
C SER A 53 5.86 -22.28 11.25
N PHE A 54 5.59 -20.97 11.32
CA PHE A 54 5.76 -20.27 12.58
C PHE A 54 4.67 -20.61 13.59
N LEU A 55 3.58 -21.25 13.15
CA LEU A 55 2.50 -21.65 14.04
C LEU A 55 2.83 -22.89 14.85
N LYS A 56 3.95 -23.56 14.57
CA LYS A 56 4.34 -24.75 15.31
C LYS A 56 4.71 -24.47 16.76
N THR A 57 4.89 -23.19 17.12
CA THR A 57 5.22 -22.83 18.50
C THR A 57 4.00 -22.72 19.40
N ILE A 58 2.81 -22.65 18.83
CA ILE A 58 1.60 -22.43 19.62
C ILE A 58 1.28 -23.68 20.41
N GLN A 59 1.21 -23.55 21.75
CA GLN A 59 0.91 -24.66 22.63
C GLN A 59 -0.50 -24.61 23.22
N GLU A 60 -1.05 -23.42 23.44
CA GLU A 60 -2.37 -23.31 24.03
C GLU A 60 -3.02 -22.00 23.61
N VAL A 61 -4.34 -22.04 23.44
CA VAL A 61 -5.15 -20.87 23.13
C VAL A 61 -6.25 -20.77 24.18
N ALA A 62 -6.38 -19.58 24.77
CA ALA A 62 -7.39 -19.38 25.81
C ALA A 62 -8.78 -19.23 25.22
N GLY A 63 -8.92 -18.38 24.20
CA GLY A 63 -10.21 -18.18 23.56
C GLY A 63 -10.55 -19.29 22.58
N TYR A 64 -10.95 -18.92 21.37
CA TYR A 64 -11.30 -19.89 20.34
C TYR A 64 -10.27 -19.86 19.21
N VAL A 65 -10.39 -20.84 18.33
CA VAL A 65 -9.49 -20.98 17.17
C VAL A 65 -10.37 -21.07 15.93
N LEU A 66 -10.31 -20.05 15.08
CA LEU A 66 -11.12 -19.97 13.87
C LEU A 66 -10.21 -20.10 12.65
N ILE A 67 -10.26 -21.24 11.99
CA ILE A 67 -9.44 -21.52 10.82
C ILE A 67 -10.39 -21.59 9.63
N ALA A 68 -10.46 -20.53 8.84
CA ALA A 68 -11.45 -20.49 7.78
C ALA A 68 -10.97 -19.65 6.61
N LEU A 69 -11.62 -19.87 5.45
CA LEU A 69 -11.39 -19.11 4.23
C LEU A 69 -9.93 -19.13 3.77
N ASN A 70 -9.18 -20.16 4.15
CA ASN A 70 -7.82 -20.34 3.70
C ASN A 70 -7.78 -21.22 2.46
N THR A 71 -6.69 -21.11 1.70
CA THR A 71 -6.45 -22.00 0.56
C THR A 71 -5.05 -22.59 0.60
N VAL A 72 -4.38 -22.51 1.74
CA VAL A 72 -3.06 -23.12 1.90
C VAL A 72 -3.24 -24.60 2.20
N GLU A 73 -2.36 -25.43 1.63
CA GLU A 73 -2.49 -26.87 1.78
C GLU A 73 -2.17 -27.38 3.17
N ARG A 74 -1.38 -26.62 3.94
CA ARG A 74 -0.94 -27.07 5.26
C ARG A 74 -1.08 -25.95 6.27
N ILE A 75 -1.53 -26.30 7.47
CA ILE A 75 -1.54 -25.39 8.62
C ILE A 75 -0.96 -26.15 9.81
N PRO A 76 0.30 -25.90 10.16
CA PRO A 76 1.01 -26.78 11.13
C PRO A 76 0.85 -26.35 12.57
N LEU A 77 -0.37 -26.53 13.10
CA LEU A 77 -0.63 -26.38 14.53
C LEU A 77 -0.30 -27.70 15.25
N GLU A 78 0.96 -28.12 15.08
CA GLU A 78 1.38 -29.45 15.49
C GLU A 78 1.49 -29.61 17.00
N ASN A 79 1.65 -28.50 17.74
CA ASN A 79 1.88 -28.57 19.19
C ASN A 79 0.81 -27.83 19.97
N LEU A 80 -0.34 -27.53 19.36
CA LEU A 80 -1.45 -26.87 20.05
C LEU A 80 -2.11 -27.88 20.96
N GLN A 81 -1.78 -27.83 22.26
CA GLN A 81 -2.19 -28.88 23.17
C GLN A 81 -3.63 -28.73 23.63
N ILE A 82 -4.05 -27.51 23.98
CA ILE A 82 -5.35 -27.29 24.60
C ILE A 82 -5.97 -26.01 24.06
N ILE A 83 -7.28 -26.02 23.90
CA ILE A 83 -8.07 -24.84 23.54
C ILE A 83 -9.03 -24.60 24.68
N ARG A 84 -8.73 -23.60 25.52
CA ARG A 84 -9.50 -23.41 26.75
C ARG A 84 -10.92 -22.96 26.46
N GLY A 85 -11.16 -22.29 25.34
CA GLY A 85 -12.51 -21.91 24.96
C GLY A 85 -13.17 -20.94 25.92
N ASN A 86 -12.40 -20.01 26.47
CA ASN A 86 -12.97 -18.98 27.33
C ASN A 86 -13.82 -17.98 26.56
N MET A 87 -13.80 -18.03 25.23
CA MET A 87 -14.64 -17.19 24.38
C MET A 87 -15.03 -18.00 23.16
N TYR A 88 -16.31 -18.00 22.83
CA TYR A 88 -16.84 -18.82 21.75
C TYR A 88 -16.94 -18.03 20.46
N TYR A 89 -17.09 -18.77 19.36
CA TYR A 89 -17.33 -18.21 18.03
C TYR A 89 -18.77 -18.52 17.63
N GLU A 90 -19.53 -17.48 17.33
CA GLU A 90 -20.95 -17.60 16.99
C GLU A 90 -21.75 -18.29 18.10
N ASN A 91 -21.34 -18.04 19.35
CA ASN A 91 -22.02 -18.46 20.57
C ASN A 91 -22.02 -19.97 20.80
N SER A 92 -21.17 -20.72 20.11
CA SER A 92 -21.22 -22.18 20.26
C SER A 92 -19.83 -22.82 20.29
N TYR A 93 -19.02 -22.54 19.28
CA TYR A 93 -17.83 -23.34 19.01
C TYR A 93 -16.58 -22.68 19.54
N ALA A 94 -15.69 -23.50 20.12
CA ALA A 94 -14.36 -23.08 20.51
C ALA A 94 -13.33 -23.37 19.43
N LEU A 95 -13.60 -24.33 18.55
CA LEU A 95 -12.77 -24.60 17.38
C LEU A 95 -13.68 -24.63 16.17
N ALA A 96 -13.43 -23.76 15.20
CA ALA A 96 -14.29 -23.61 14.03
C ALA A 96 -13.44 -23.67 12.77
N VAL A 97 -13.45 -24.82 12.10
CA VAL A 97 -12.77 -24.98 10.82
C VAL A 97 -13.87 -24.91 9.76
N LEU A 98 -14.15 -23.69 9.31
CA LEU A 98 -15.21 -23.45 8.34
C LEU A 98 -14.64 -23.62 6.92
N SER A 99 -15.27 -22.98 5.93
CA SER A 99 -14.89 -23.14 4.54
C SER A 99 -13.40 -22.83 4.34
N ASN A 100 -12.73 -23.71 3.58
CA ASN A 100 -11.31 -23.54 3.33
C ASN A 100 -10.91 -24.06 1.95
N TYR A 101 -11.81 -23.98 0.97
CA TYR A 101 -11.53 -24.40 -0.38
C TYR A 101 -11.50 -23.18 -1.30
N ASP A 102 -10.70 -23.27 -2.35
CA ASP A 102 -10.56 -22.17 -3.30
C ASP A 102 -11.80 -22.06 -4.18
N ASN A 104 -11.72 -25.07 -6.79
CA ASN A 104 -11.89 -26.52 -6.91
C ASN A 104 -11.71 -27.21 -5.57
N LYS A 105 -10.94 -28.30 -5.56
CA LYS A 105 -10.70 -29.10 -4.36
C LYS A 105 -9.19 -29.10 -4.09
N THR A 106 -8.70 -28.00 -3.52
CA THR A 106 -7.29 -27.88 -3.19
C THR A 106 -7.15 -26.78 -2.14
N GLY A 107 -6.60 -27.14 -0.98
CA GLY A 107 -6.46 -26.17 0.10
C GLY A 107 -6.93 -26.72 1.44
N LEU A 108 -6.12 -26.53 2.47
CA LEU A 108 -6.35 -27.11 3.80
C LEU A 108 -6.55 -28.63 3.68
N LYS A 109 -5.44 -29.30 3.37
CA LYS A 109 -5.41 -30.75 3.29
C LYS A 109 -4.84 -31.38 4.55
N GLU A 110 -3.78 -30.81 5.10
CA GLU A 110 -3.09 -31.33 6.27
C GLU A 110 -3.33 -30.38 7.44
N LEU A 111 -4.03 -30.86 8.46
CA LEU A 111 -4.24 -30.12 9.71
C LEU A 111 -3.68 -30.98 10.85
N PRO A 112 -2.35 -31.15 10.89
CA PRO A 112 -1.75 -32.15 11.82
C PRO A 112 -1.65 -31.62 13.25
N MET A 113 -2.79 -31.41 13.89
CA MET A 113 -2.84 -31.04 15.30
C MET A 113 -2.65 -32.30 16.15
N ARG A 114 -1.40 -32.76 16.17
CA ARG A 114 -1.08 -34.05 16.78
C ARG A 114 -1.38 -34.06 18.28
N ASN A 115 -1.16 -32.93 18.95
CA ASN A 115 -1.23 -32.87 20.40
C ASN A 115 -2.48 -32.18 20.92
N LEU A 116 -3.46 -31.90 20.05
CA LEU A 116 -4.71 -31.28 20.49
C LEU A 116 -5.53 -32.33 21.22
N GLN A 117 -5.61 -32.23 22.55
CA GLN A 117 -6.25 -33.25 23.36
C GLN A 117 -7.28 -32.70 24.35
N GLU A 118 -7.46 -31.38 24.43
CA GLU A 118 -8.38 -30.83 25.42
C GLU A 118 -9.07 -29.60 24.86
N ILE A 119 -10.40 -29.59 24.97
CA ILE A 119 -11.22 -28.40 24.66
C ILE A 119 -12.06 -28.17 25.91
N LEU A 120 -11.57 -27.32 26.82
CA LEU A 120 -12.20 -27.14 28.12
C LEU A 120 -13.67 -26.74 27.98
N HIS A 121 -13.97 -25.82 27.07
CA HIS A 121 -15.32 -25.32 26.90
C HIS A 121 -15.63 -25.20 25.42
N GLY A 122 -16.93 -25.18 25.11
CA GLY A 122 -17.37 -25.01 23.75
C GLY A 122 -17.36 -26.30 22.96
N ALA A 123 -17.85 -26.18 21.72
CA ALA A 123 -17.94 -27.30 20.79
C ALA A 123 -17.01 -27.05 19.61
N VAL A 124 -17.11 -27.90 18.60
CA VAL A 124 -16.29 -27.81 17.40
C VAL A 124 -17.22 -27.78 16.19
N ARG A 125 -16.79 -27.10 15.13
CA ARG A 125 -17.52 -27.10 13.87
C ARG A 125 -16.54 -27.24 12.71
N PHE A 126 -16.66 -28.36 11.99
CA PHE A 126 -16.03 -28.53 10.69
C PHE A 126 -17.11 -28.47 9.63
N SER A 127 -17.00 -27.52 8.71
CA SER A 127 -18.04 -27.27 7.72
C SER A 127 -17.39 -27.03 6.35
N ASN A 128 -17.62 -27.95 5.42
CA ASN A 128 -17.23 -27.79 4.02
C ASN A 128 -15.73 -27.58 3.86
N ASN A 129 -14.96 -28.66 3.98
CA ASN A 129 -13.53 -28.65 3.70
C ASN A 129 -13.24 -29.79 2.73
N PRO A 130 -13.38 -29.55 1.44
CA PRO A 130 -13.22 -30.64 0.46
C PRO A 130 -11.87 -31.33 0.52
N ALA A 131 -10.79 -30.59 0.80
CA ALA A 131 -9.46 -31.17 0.83
C ALA A 131 -9.04 -31.67 2.20
N LEU A 132 -9.83 -31.40 3.24
CA LEU A 132 -9.52 -31.90 4.57
C LEU A 132 -9.43 -33.42 4.54
N CYS A 133 -8.35 -33.96 5.13
CA CYS A 133 -7.93 -35.31 4.86
C CYS A 133 -8.17 -36.27 6.03
N ASN A 134 -7.54 -36.03 7.18
CA ASN A 134 -7.52 -37.01 8.25
C ASN A 134 -8.23 -36.53 9.50
N VAL A 135 -9.09 -35.52 9.40
CA VAL A 135 -9.84 -35.07 10.57
C VAL A 135 -11.17 -35.82 10.73
N GLU A 136 -11.70 -36.40 9.65
CA GLU A 136 -12.91 -37.20 9.75
C GLU A 136 -12.71 -38.46 10.58
N SER A 137 -11.46 -38.82 10.88
CA SER A 137 -11.15 -40.04 11.62
C SER A 137 -10.99 -39.82 13.13
N ILE A 138 -11.01 -38.56 13.58
CA ILE A 138 -10.69 -38.25 14.97
C ILE A 138 -11.91 -38.50 15.85
N GLN A 139 -11.70 -39.17 16.98
CA GLN A 139 -12.74 -39.33 18.00
C GLN A 139 -12.74 -38.10 18.87
N TRP A 140 -13.80 -37.31 18.79
CA TRP A 140 -13.90 -36.06 19.55
C TRP A 140 -14.44 -36.26 20.96
N ARG A 141 -14.85 -37.47 21.32
CA ARG A 141 -15.26 -37.73 22.69
C ARG A 141 -14.10 -37.59 23.66
N ASP A 142 -12.88 -37.82 23.19
CA ASP A 142 -11.70 -37.73 24.05
C ASP A 142 -11.25 -36.29 24.25
N ILE A 143 -11.51 -35.42 23.27
CA ILE A 143 -10.98 -34.05 23.30
C ILE A 143 -11.99 -33.08 23.92
N VAL A 144 -13.25 -33.17 23.51
CA VAL A 144 -14.27 -32.22 23.93
C VAL A 144 -15.00 -32.76 25.15
N SER A 145 -15.37 -31.84 26.05
CA SER A 145 -16.16 -32.22 27.21
C SER A 145 -17.52 -32.76 26.78
N SER A 146 -18.07 -33.65 27.62
CA SER A 146 -19.35 -34.28 27.27
C SER A 146 -20.47 -33.25 27.20
N ASP A 147 -20.43 -32.23 28.06
CA ASP A 147 -21.49 -31.23 28.11
C ASP A 147 -21.73 -30.55 26.78
N PHE A 148 -20.75 -30.56 25.88
CA PHE A 148 -20.87 -29.91 24.59
C PHE A 148 -21.01 -30.91 23.43
N LEU A 149 -20.93 -32.21 23.70
CA LEU A 149 -21.01 -33.21 22.64
C LEU A 149 -22.34 -33.17 21.90
N SER A 150 -23.35 -32.47 22.43
CA SER A 150 -24.61 -32.34 21.73
C SER A 150 -24.56 -31.28 20.64
N ASN A 151 -23.74 -30.25 20.81
CA ASN A 151 -23.65 -29.15 19.86
C ASN A 151 -22.63 -29.39 18.77
N MET A 152 -22.09 -30.60 18.66
CA MET A 152 -21.03 -30.88 17.69
C MET A 152 -21.62 -30.93 16.29
N SER A 153 -21.17 -30.04 15.42
CA SER A 153 -21.59 -29.99 14.01
C SER A 153 -20.39 -30.39 13.16
N MET A 154 -20.22 -31.70 13.00
CA MET A 154 -19.12 -32.26 12.22
C MET A 154 -19.61 -32.59 10.81
N ASP A 155 -18.92 -32.06 9.81
CA ASP A 155 -19.25 -32.30 8.41
C ASP A 155 -17.98 -32.66 7.66
N PHE A 156 -18.03 -33.77 6.92
CA PHE A 156 -16.84 -34.27 6.20
C PHE A 156 -17.33 -34.98 4.94
N GLN A 157 -17.50 -34.21 3.87
CA GLN A 157 -17.82 -34.75 2.55
C GLN A 157 -16.71 -34.32 1.59
N ASN A 158 -15.84 -35.27 1.25
CA ASN A 158 -14.56 -34.98 0.60
C ASN A 158 -14.71 -35.12 -0.91
N HIS A 159 -14.44 -34.03 -1.64
CA HIS A 159 -14.45 -34.05 -3.10
C HIS A 159 -13.07 -34.35 -3.68
N LEU A 160 -12.00 -33.90 -3.03
CA LEU A 160 -10.65 -34.11 -3.56
C LEU A 160 -10.30 -35.59 -3.56
N GLY A 161 -10.54 -36.27 -2.44
CA GLY A 161 -10.32 -37.71 -2.36
C GLY A 161 -8.91 -38.15 -2.65
N SER A 162 -7.91 -37.39 -2.19
CA SER A 162 -6.50 -37.72 -2.39
C SER A 162 -5.80 -38.00 -1.07
N CYS A 163 -6.55 -38.27 -0.01
CA CYS A 163 -6.00 -38.35 1.33
C CYS A 163 -5.41 -39.71 1.61
N GLN A 164 -4.26 -39.71 2.30
CA GLN A 164 -3.59 -40.95 2.66
C GLN A 164 -4.34 -41.64 3.80
N LYS A 165 -3.96 -42.89 4.03
CA LYS A 165 -4.59 -43.69 5.08
C LYS A 165 -3.79 -43.58 6.38
N CYS A 166 -4.50 -43.71 7.50
CA CYS A 166 -3.88 -43.60 8.80
C CYS A 166 -2.91 -44.76 9.03
N ASP A 167 -1.96 -44.52 9.94
CA ASP A 167 -1.03 -45.56 10.33
C ASP A 167 -1.78 -46.67 11.06
N PRO A 168 -1.42 -47.94 10.83
CA PRO A 168 -2.08 -49.03 11.56
C PRO A 168 -1.85 -48.99 13.06
N SER A 169 -0.80 -48.31 13.51
CA SER A 169 -0.54 -48.18 14.95
C SER A 169 -1.50 -47.23 15.63
N CYS A 170 -2.26 -46.44 14.89
CA CYS A 170 -3.22 -45.52 15.49
C CYS A 170 -4.44 -46.29 15.98
N PRO A 171 -4.84 -46.12 17.24
CA PRO A 171 -6.00 -46.86 17.74
C PRO A 171 -7.28 -46.46 17.00
N ASN A 172 -8.03 -47.48 16.55
CA ASN A 172 -9.28 -47.29 15.82
C ASN A 172 -9.08 -46.48 14.55
N GLY A 173 -7.89 -46.56 13.95
CA GLY A 173 -7.59 -45.83 12.75
C GLY A 173 -7.72 -44.32 12.89
N SER A 174 -7.59 -43.79 14.10
CA SER A 174 -7.76 -42.37 14.36
C SER A 174 -6.40 -41.69 14.29
N CYS A 175 -6.20 -40.88 13.25
CA CYS A 175 -4.96 -40.16 13.07
C CYS A 175 -5.28 -38.74 12.62
N TRP A 176 -4.46 -37.78 13.07
CA TRP A 176 -4.60 -36.41 12.58
C TRP A 176 -4.04 -36.25 11.18
N GLY A 177 -3.02 -37.04 10.84
CA GLY A 177 -2.46 -37.09 9.51
C GLY A 177 -1.82 -38.44 9.31
N ALA A 178 -1.21 -38.63 8.14
CA ALA A 178 -0.52 -39.88 7.87
C ALA A 178 0.76 -39.96 8.69
N GLY A 179 1.07 -41.17 9.15
CA GLY A 179 2.29 -41.40 9.89
C GLY A 179 2.02 -41.77 11.34
N GLU A 180 3.02 -42.42 11.95
CA GLU A 180 2.88 -42.86 13.35
C GLU A 180 2.84 -41.66 14.29
N GLU A 181 3.61 -40.61 13.98
CA GLU A 181 3.62 -39.43 14.84
C GLU A 181 2.26 -38.74 14.87
N ASN A 182 1.47 -38.93 13.81
CA ASN A 182 0.17 -38.27 13.69
C ASN A 182 -0.97 -39.12 14.23
N CYS A 183 -0.68 -40.19 14.97
CA CYS A 183 -1.75 -40.96 15.60
C CYS A 183 -2.42 -40.14 16.68
N GLN A 184 -3.74 -40.29 16.80
CA GLN A 184 -4.46 -39.61 17.87
C GLN A 184 -4.11 -40.24 19.20
N LYS A 185 -3.75 -39.41 20.17
CA LYS A 185 -3.40 -39.86 21.52
C LYS A 185 -4.63 -39.70 22.41
N LEU A 186 -5.19 -40.84 22.82
CA LEU A 186 -6.39 -40.85 23.67
C LEU A 186 -5.96 -40.81 25.12
N THR A 187 -6.38 -39.75 25.83
CA THR A 187 -6.00 -39.55 27.22
C THR A 187 -7.20 -39.37 28.13
N LYS A 188 -8.41 -39.71 27.67
CA LYS A 188 -9.59 -39.48 28.49
C LYS A 188 -10.55 -40.67 28.44
N ILE A 189 -10.93 -41.11 27.25
CA ILE A 189 -11.90 -42.20 27.11
C ILE A 189 -11.24 -43.58 27.17
N ILE A 190 -9.94 -43.66 27.39
CA ILE A 190 -9.24 -44.93 27.48
C ILE A 190 -8.66 -45.07 28.88
N CYS A 191 -9.32 -44.47 29.87
CA CYS A 191 -8.84 -44.43 31.23
C CYS A 191 -9.50 -45.54 32.05
N ALA A 192 -9.49 -45.41 33.37
CA ALA A 192 -10.13 -46.35 34.27
C ALA A 192 -11.21 -45.62 35.07
N GLN A 193 -12.12 -46.40 35.66
CA GLN A 193 -13.20 -45.81 36.45
C GLN A 193 -12.67 -45.04 37.66
N GLN A 194 -11.45 -45.34 38.12
CA GLN A 194 -10.88 -44.63 39.25
C GLN A 194 -10.34 -43.26 38.84
N CYS A 195 -9.93 -43.09 37.59
CA CYS A 195 -9.38 -41.81 37.13
C CYS A 195 -10.47 -40.75 37.14
N SER A 196 -10.28 -39.72 37.96
CA SER A 196 -11.22 -38.59 38.00
C SER A 196 -11.01 -37.62 36.85
N GLY A 197 -9.98 -37.81 36.03
CA GLY A 197 -9.73 -36.94 34.90
C GLY A 197 -9.02 -37.65 33.77
N ARG A 198 -7.88 -37.11 33.34
CA ARG A 198 -7.12 -37.70 32.25
C ARG A 198 -6.24 -38.84 32.77
N CYS A 199 -5.56 -39.53 31.85
CA CYS A 199 -4.73 -40.66 32.22
C CYS A 199 -3.61 -40.84 31.20
N ARG A 200 -2.62 -41.63 31.58
CA ARG A 200 -1.53 -42.01 30.69
C ARG A 200 -1.74 -43.37 30.03
N GLY A 201 -2.52 -44.25 30.65
CA GLY A 201 -2.75 -45.58 30.13
C GLY A 201 -4.01 -46.16 30.74
N LYS A 202 -4.31 -47.40 30.35
CA LYS A 202 -5.56 -48.03 30.75
C LYS A 202 -5.59 -48.43 32.22
N SER A 203 -4.43 -48.60 32.85
CA SER A 203 -4.40 -49.07 34.23
C SER A 203 -4.70 -47.92 35.20
N PRO A 204 -5.30 -48.22 36.36
CA PRO A 204 -5.58 -47.16 37.35
C PRO A 204 -4.33 -46.51 37.91
N SER A 205 -3.15 -47.10 37.72
CA SER A 205 -1.92 -46.46 38.14
C SER A 205 -1.51 -45.31 37.23
N ASP A 206 -2.19 -45.15 36.10
CA ASP A 206 -1.82 -44.14 35.11
C ASP A 206 -2.75 -42.92 35.14
N CYS A 207 -3.57 -42.78 36.18
CA CYS A 207 -4.44 -41.63 36.28
C CYS A 207 -3.61 -40.35 36.42
N CYS A 208 -4.10 -39.27 35.81
CA CYS A 208 -3.45 -37.97 35.92
C CYS A 208 -4.04 -37.17 37.08
N HIS A 209 -3.29 -36.16 37.51
CA HIS A 209 -3.76 -35.28 38.57
C HIS A 209 -5.03 -34.56 38.14
N ASN A 210 -5.85 -34.18 39.12
CA ASN A 210 -7.11 -33.51 38.80
C ASN A 210 -6.87 -32.17 38.12
N GLN A 211 -5.76 -31.50 38.44
CA GLN A 211 -5.41 -30.24 37.80
C GLN A 211 -4.69 -30.41 36.48
N CYS A 212 -4.61 -31.64 35.96
CA CYS A 212 -3.99 -31.90 34.67
C CYS A 212 -5.03 -31.81 33.56
N ALA A 213 -4.67 -31.14 32.47
CA ALA A 213 -5.50 -31.09 31.27
C ALA A 213 -4.72 -31.68 30.11
N ALA A 214 -5.42 -32.47 29.28
CA ALA A 214 -4.87 -33.05 28.06
C ALA A 214 -3.70 -34.00 28.37
N GLY A 215 -3.79 -34.73 29.47
CA GLY A 215 -2.83 -35.75 29.80
C GLY A 215 -1.75 -35.27 30.75
N CYS A 216 -0.79 -36.17 30.99
CA CYS A 216 0.28 -35.92 31.94
C CYS A 216 1.41 -36.91 31.66
N THR A 217 2.53 -36.70 32.37
CA THR A 217 3.66 -37.62 32.32
C THR A 217 3.91 -38.35 33.63
N GLY A 218 3.33 -37.87 34.73
CA GLY A 218 3.42 -38.53 36.01
C GLY A 218 2.16 -38.34 36.82
N PRO A 219 2.12 -38.87 38.04
CA PRO A 219 0.91 -38.79 38.86
C PRO A 219 0.77 -37.52 39.69
N ARG A 220 1.82 -36.71 39.82
CA ARG A 220 1.78 -35.54 40.67
C ARG A 220 1.28 -34.32 39.89
N GLU A 221 0.96 -33.26 40.63
CA GLU A 221 0.43 -32.03 40.05
C GLU A 221 1.50 -31.20 39.35
N SER A 222 2.77 -31.62 39.36
CA SER A 222 3.83 -30.96 38.62
C SER A 222 4.22 -31.76 37.38
N ASP A 223 3.35 -32.64 36.91
CA ASP A 223 3.62 -33.48 35.74
C ASP A 223 2.62 -33.27 34.62
N CYS A 224 1.72 -32.29 34.75
CA CYS A 224 0.70 -32.07 33.73
C CYS A 224 1.32 -31.53 32.45
N LEU A 225 0.70 -31.90 31.32
CA LEU A 225 1.08 -31.27 30.06
C LEU A 225 0.67 -29.81 30.03
N VAL A 226 -0.56 -29.52 30.46
CA VAL A 226 -1.05 -28.16 30.62
C VAL A 226 -2.06 -28.15 31.74
N CYS A 227 -2.01 -27.12 32.58
CA CYS A 227 -2.88 -27.04 33.74
C CYS A 227 -4.33 -26.80 33.32
N ARG A 228 -5.26 -27.38 34.09
CA ARG A 228 -6.68 -27.19 33.80
C ARG A 228 -7.14 -25.80 34.20
N LYS A 229 -6.63 -25.28 35.32
CA LYS A 229 -7.03 -23.95 35.77
C LYS A 229 -5.86 -22.99 35.79
N PHE A 230 -5.07 -23.01 36.86
CA PHE A 230 -3.98 -22.07 37.03
C PHE A 230 -2.65 -22.81 37.14
N ARG A 231 -1.61 -22.20 36.59
CA ARG A 231 -0.26 -22.74 36.62
C ARG A 231 0.61 -21.86 37.51
N ASP A 232 1.20 -22.46 38.55
CA ASP A 232 2.23 -21.78 39.31
C ASP A 232 3.52 -21.78 38.50
N GLU A 233 4.67 -21.72 39.17
CA GLU A 233 5.94 -21.82 38.45
C GLU A 233 6.06 -23.17 37.78
N ALA A 234 5.87 -24.25 38.54
CA ALA A 234 5.90 -25.60 37.99
C ALA A 234 4.70 -26.45 38.37
N THR A 235 3.84 -25.98 39.28
CA THR A 235 2.74 -26.78 39.82
C THR A 235 1.41 -26.24 39.31
N CYS A 236 0.54 -27.16 38.87
CA CYS A 236 -0.82 -26.79 38.52
C CYS A 236 -1.67 -26.68 39.78
N LYS A 237 -2.51 -25.66 39.83
CA LYS A 237 -3.32 -25.39 41.01
C LYS A 237 -4.74 -25.03 40.59
N ASP A 238 -5.68 -25.24 41.52
CA ASP A 238 -7.06 -24.82 41.30
C ASP A 238 -7.24 -23.32 41.42
N THR A 239 -6.31 -22.63 42.10
CA THR A 239 -6.37 -21.19 42.26
C THR A 239 -4.98 -20.70 42.61
N CYS A 240 -4.73 -19.43 42.29
CA CYS A 240 -3.47 -18.82 42.65
C CYS A 240 -3.41 -18.59 44.17
N PRO A 241 -2.21 -18.55 44.74
CA PRO A 241 -2.08 -18.23 46.17
C PRO A 241 -2.74 -16.90 46.49
N PRO A 242 -3.76 -16.90 47.36
CA PRO A 242 -4.55 -15.68 47.57
C PRO A 242 -3.70 -14.54 48.11
N LEU A 243 -4.07 -13.32 47.73
CA LEU A 243 -3.37 -12.14 48.20
C LEU A 243 -3.65 -11.86 49.68
N MET A 244 -4.78 -12.36 50.20
CA MET A 244 -5.14 -12.20 51.59
C MET A 244 -5.53 -13.56 52.16
N LEU A 245 -5.16 -13.80 53.42
CA LEU A 245 -5.46 -15.05 54.09
C LEU A 245 -6.21 -14.76 55.39
N TYR A 246 -7.20 -15.60 55.69
CA TYR A 246 -7.97 -15.42 56.92
C TYR A 246 -7.14 -15.83 58.13
N ASN A 247 -6.96 -14.90 59.06
CA ASN A 247 -6.33 -15.19 60.34
C ASN A 247 -7.42 -15.58 61.32
N PRO A 248 -7.49 -16.84 61.76
CA PRO A 248 -8.56 -17.26 62.68
C PRO A 248 -8.29 -16.89 64.13
N THR A 249 -7.08 -16.47 64.48
CA THR A 249 -6.81 -16.03 65.85
C THR A 249 -7.21 -14.57 66.04
N THR A 250 -6.85 -13.70 65.10
CA THR A 250 -7.26 -12.31 65.13
C THR A 250 -8.55 -12.07 64.37
N TYR A 251 -9.13 -13.10 63.75
CA TYR A 251 -10.38 -13.01 63.02
C TYR A 251 -10.29 -11.95 61.91
N GLN A 252 -9.17 -11.94 61.19
CA GLN A 252 -8.90 -10.80 60.33
C GLN A 252 -8.12 -11.22 59.10
N MET A 253 -8.50 -10.66 57.95
CA MET A 253 -7.80 -10.92 56.70
C MET A 253 -6.44 -10.24 56.73
N ASP A 254 -5.37 -11.04 56.66
CA ASP A 254 -4.00 -10.54 56.65
C ASP A 254 -3.42 -10.60 55.24
N VAL A 255 -2.40 -9.76 55.02
CA VAL A 255 -1.72 -9.74 53.73
C VAL A 255 -0.87 -10.99 53.58
N ASN A 256 -1.00 -11.66 52.45
CA ASN A 256 -0.27 -12.89 52.19
C ASN A 256 1.07 -12.56 51.52
N PRO A 257 2.21 -12.89 52.13
CA PRO A 257 3.49 -12.56 51.50
C PRO A 257 3.78 -13.35 50.23
N GLU A 258 3.13 -14.49 50.02
CA GLU A 258 3.35 -15.31 48.84
C GLU A 258 2.15 -15.30 47.90
N GLY A 259 1.37 -14.21 47.93
CA GLY A 259 0.23 -14.10 47.04
C GLY A 259 0.64 -13.75 45.63
N LYS A 260 -0.18 -14.17 44.67
CA LYS A 260 0.09 -13.95 43.26
C LYS A 260 -1.20 -13.62 42.51
N TYR A 261 -1.09 -12.71 41.55
CA TYR A 261 -2.21 -12.34 40.70
C TYR A 261 -2.38 -13.33 39.56
N SER A 262 -3.54 -13.26 38.91
CA SER A 262 -3.90 -14.17 37.82
C SER A 262 -3.61 -13.48 36.49
N PHE A 263 -2.57 -13.94 35.81
CA PHE A 263 -2.21 -13.48 34.48
C PHE A 263 -2.58 -14.59 33.49
N GLY A 264 -3.74 -14.44 32.85
CA GLY A 264 -4.25 -15.47 31.97
C GLY A 264 -4.53 -16.76 32.72
N ALA A 265 -3.67 -17.76 32.53
CA ALA A 265 -3.78 -19.03 33.23
C ALA A 265 -2.57 -19.30 34.11
N THR A 266 -1.80 -18.26 34.44
CA THR A 266 -0.61 -18.40 35.26
C THR A 266 -0.72 -17.52 36.50
N CYS A 267 0.00 -17.90 37.55
CA CYS A 267 0.04 -17.16 38.79
C CYS A 267 1.36 -16.38 38.86
N VAL A 268 1.27 -15.06 38.86
CA VAL A 268 2.44 -14.21 38.71
C VAL A 268 2.51 -13.24 39.89
N LYS A 269 3.71 -13.03 40.43
CA LYS A 269 3.90 -12.15 41.57
C LYS A 269 3.58 -10.69 41.25
N LYS A 270 3.63 -10.31 39.98
CA LYS A 270 3.36 -8.93 39.57
C LYS A 270 2.79 -8.94 38.16
N CYS A 271 1.73 -8.17 37.94
CA CYS A 271 1.15 -8.08 36.61
C CYS A 271 2.16 -7.47 35.65
N PRO A 272 2.35 -8.04 34.46
CA PRO A 272 3.31 -7.47 33.50
C PRO A 272 2.90 -6.08 33.01
N ARG A 273 3.74 -5.48 32.18
CA ARG A 273 3.43 -4.16 31.63
C ARG A 273 2.17 -4.22 30.77
N ASN A 274 1.53 -3.06 30.61
CA ASN A 274 0.28 -2.90 29.90
C ASN A 274 -0.87 -3.68 30.53
N TYR A 275 -0.69 -4.19 31.74
CA TYR A 275 -1.74 -4.85 32.50
C TYR A 275 -1.82 -4.22 33.88
N VAL A 276 -2.94 -4.46 34.56
CA VAL A 276 -3.24 -3.80 35.83
C VAL A 276 -4.06 -4.75 36.69
N VAL A 277 -3.72 -4.81 37.99
CA VAL A 277 -4.46 -5.69 38.89
C VAL A 277 -5.88 -5.18 39.07
N THR A 278 -6.73 -6.07 39.57
CA THR A 278 -8.12 -5.73 39.88
C THR A 278 -8.37 -5.92 41.37
N ASP A 279 -9.63 -5.81 41.77
CA ASP A 279 -10.02 -6.08 43.15
C ASP A 279 -10.23 -7.57 43.41
N HIS A 280 -10.19 -8.40 42.38
CA HIS A 280 -10.30 -9.85 42.52
C HIS A 280 -8.99 -10.56 42.18
N GLY A 281 -7.87 -9.83 42.21
CA GLY A 281 -6.56 -10.44 42.04
C GLY A 281 -6.31 -11.04 40.67
N SER A 282 -6.67 -10.31 39.61
CA SER A 282 -6.49 -10.78 38.25
C SER A 282 -5.97 -9.66 37.37
N CYS A 283 -4.96 -9.96 36.55
CA CYS A 283 -4.44 -8.98 35.61
C CYS A 283 -5.40 -8.82 34.44
N VAL A 284 -5.84 -7.58 34.20
CA VAL A 284 -6.63 -7.25 33.03
C VAL A 284 -5.81 -6.35 32.13
N ARG A 285 -6.20 -6.28 30.86
CA ARG A 285 -5.53 -5.37 29.94
C ARG A 285 -5.80 -3.92 30.30
N ALA A 286 -7.00 -3.62 30.79
CA ALA A 286 -7.37 -2.28 31.20
C ALA A 286 -8.63 -2.35 32.06
N CYS A 287 -8.69 -1.52 33.09
CA CYS A 287 -9.90 -1.43 33.91
C CYS A 287 -11.05 -0.91 33.05
N GLY A 288 -12.24 -1.50 33.21
CA GLY A 288 -13.32 -1.18 32.29
C GLY A 288 -14.75 -1.25 32.79
N ALA A 289 -14.97 -1.59 34.05
CA ALA A 289 -16.33 -1.74 34.56
C ALA A 289 -16.81 -0.45 35.21
N ASP A 290 -16.39 -0.21 36.45
CA ASP A 290 -16.66 1.03 37.17
C ASP A 290 -15.39 1.56 37.82
N SER A 291 -14.24 1.24 37.22
CA SER A 291 -12.94 1.50 37.82
C SER A 291 -12.05 2.18 36.79
N TYR A 292 -10.83 2.50 37.21
CA TYR A 292 -9.82 3.09 36.35
C TYR A 292 -8.45 2.74 36.91
N GLU A 293 -7.41 3.13 36.17
CA GLU A 293 -6.05 2.78 36.55
C GLU A 293 -5.50 3.77 37.58
N MET A 294 -4.79 3.24 38.56
CA MET A 294 -4.19 4.01 39.64
C MET A 294 -2.81 3.48 39.93
N GLU A 295 -1.94 4.36 40.44
CA GLU A 295 -0.59 3.98 40.88
C GLU A 295 -0.60 3.97 42.41
N GLU A 296 -0.88 2.80 42.98
CA GLU A 296 -0.88 2.62 44.43
C GLU A 296 0.13 1.55 44.79
N ASP A 297 0.89 1.80 45.87
CA ASP A 297 2.00 0.94 46.28
C ASP A 297 3.04 0.80 45.18
N GLY A 298 3.15 1.83 44.33
CA GLY A 298 4.02 1.75 43.17
C GLY A 298 3.59 0.77 42.11
N VAL A 299 2.37 0.26 42.18
CA VAL A 299 1.87 -0.74 41.25
C VAL A 299 0.53 -0.27 40.70
N ARG A 300 0.23 -0.68 39.47
CA ARG A 300 -1.05 -0.34 38.86
C ARG A 300 -2.18 -1.16 39.48
N LYS A 301 -3.27 -0.48 39.82
CA LYS A 301 -4.45 -1.13 40.39
C LYS A 301 -5.70 -0.53 39.75
N CYS A 302 -6.78 -1.31 39.78
CA CYS A 302 -8.08 -0.85 39.29
C CYS A 302 -8.88 -0.33 40.48
N LYS A 303 -9.00 1.00 40.58
CA LYS A 303 -9.69 1.64 41.69
C LYS A 303 -11.03 2.18 41.23
N LYS A 304 -11.99 2.20 42.15
CA LYS A 304 -13.34 2.67 41.83
C LYS A 304 -13.31 4.12 41.37
N CYS A 305 -14.27 4.46 40.50
CA CYS A 305 -14.33 5.79 39.88
C CYS A 305 -14.71 6.83 40.92
N GLU A 306 -13.70 7.52 41.45
CA GLU A 306 -13.90 8.57 42.43
C GLU A 306 -12.81 9.61 42.27
N GLY A 307 -13.16 10.88 42.45
CA GLY A 307 -12.19 11.96 42.40
C GLY A 307 -11.91 12.42 40.98
N PRO A 308 -10.71 12.11 40.48
CA PRO A 308 -10.41 12.45 39.08
C PRO A 308 -11.35 11.79 38.09
N CYS A 309 -11.70 10.53 38.34
CA CYS A 309 -12.70 9.84 37.53
C CYS A 309 -14.10 10.29 37.95
N ARG A 310 -14.93 10.58 36.96
CA ARG A 310 -16.33 10.90 37.20
C ARG A 310 -17.29 9.87 36.60
N LYS A 311 -16.94 9.31 35.45
CA LYS A 311 -17.77 8.28 34.82
C LYS A 311 -16.93 7.53 33.80
N VAL A 312 -17.00 6.20 33.83
CA VAL A 312 -16.34 5.35 32.84
C VAL A 312 -17.39 4.90 31.83
N CYS A 313 -16.99 4.87 30.56
CA CYS A 313 -17.90 4.50 29.48
C CYS A 313 -17.18 3.59 28.51
N ASN A 314 -17.94 2.65 27.94
CA ASN A 314 -17.37 1.72 26.98
C ASN A 314 -17.00 2.42 25.68
N GLY A 315 -16.01 1.86 24.99
CA GLY A 315 -15.66 2.34 23.67
C GLY A 315 -16.43 1.64 22.57
N ILE A 316 -16.26 2.14 21.35
CA ILE A 316 -16.93 1.54 20.20
C ILE A 316 -16.35 0.16 19.95
N GLY A 317 -17.24 -0.84 19.86
CA GLY A 317 -16.85 -2.22 19.62
C GLY A 317 -17.23 -3.17 20.75
N ILE A 318 -17.33 -2.66 21.98
CA ILE A 318 -17.68 -3.46 23.14
C ILE A 318 -18.82 -2.77 23.88
N GLY A 319 -19.39 -3.50 24.84
CA GLY A 319 -20.47 -2.96 25.65
C GLY A 319 -21.72 -2.69 24.84
N GLU A 320 -22.44 -1.64 25.23
CA GLU A 320 -23.61 -1.22 24.47
C GLU A 320 -23.23 -0.67 23.10
N PHE A 321 -21.97 -0.33 22.90
CA PHE A 321 -21.46 0.08 21.60
C PHE A 321 -20.89 -1.09 20.80
N LYS A 322 -21.11 -2.32 21.24
CA LYS A 322 -20.66 -3.48 20.48
C LYS A 322 -21.45 -3.60 19.18
N ASP A 323 -20.79 -4.13 18.16
CA ASP A 323 -21.33 -4.26 16.81
C ASP A 323 -21.65 -2.91 16.17
N SER A 324 -21.19 -1.81 16.77
CA SER A 324 -21.33 -0.48 16.20
C SER A 324 -20.01 -0.08 15.55
N LEU A 325 -20.10 0.74 14.51
CA LEU A 325 -18.94 1.05 13.69
C LEU A 325 -18.22 2.32 14.12
N SER A 326 -18.95 3.31 14.63
CA SER A 326 -18.35 4.58 15.03
C SER A 326 -19.30 5.31 15.96
N ILE A 327 -19.00 6.58 16.22
CA ILE A 327 -19.86 7.44 17.03
C ILE A 327 -20.97 8.01 16.15
N ASN A 328 -22.21 8.00 16.66
CA ASN A 328 -23.38 8.21 15.82
C ASN A 328 -24.30 9.24 16.45
N ALA A 329 -25.37 9.58 15.74
CA ALA A 329 -26.39 10.46 16.29
C ALA A 329 -27.10 9.80 17.48
N THR A 330 -27.09 8.47 17.53
CA THR A 330 -27.62 7.73 18.66
C THR A 330 -26.52 7.26 19.62
N ASN A 331 -25.29 7.09 19.13
CA ASN A 331 -24.17 6.78 20.01
C ASN A 331 -23.78 7.97 20.89
N ILE A 332 -23.76 9.17 20.29
CA ILE A 332 -23.13 10.32 20.94
C ILE A 332 -23.75 10.60 22.30
N LYS A 333 -25.07 10.44 22.41
CA LYS A 333 -25.76 10.84 23.63
C LYS A 333 -25.27 10.07 24.84
N HIS A 334 -24.98 8.78 24.68
CA HIS A 334 -24.53 7.98 25.80
C HIS A 334 -23.11 8.30 26.23
N PHE A 335 -22.36 9.09 25.46
CA PHE A 335 -21.04 9.51 25.89
C PHE A 335 -21.07 10.75 26.76
N LYS A 336 -22.23 11.09 27.32
CA LYS A 336 -22.38 12.32 28.08
C LYS A 336 -21.61 12.24 29.39
N ASN A 337 -20.68 13.18 29.58
CA ASN A 337 -19.95 13.39 30.84
C ASN A 337 -19.04 12.21 31.20
N CYS A 338 -18.70 11.36 30.24
CA CYS A 338 -17.69 10.34 30.49
C CYS A 338 -16.31 10.98 30.56
N THR A 339 -15.49 10.50 31.49
CA THR A 339 -14.12 10.99 31.63
C THR A 339 -13.08 9.99 31.19
N SER A 340 -13.37 8.69 31.23
CA SER A 340 -12.46 7.65 30.80
C SER A 340 -13.19 6.68 29.89
N ILE A 341 -12.57 6.33 28.77
CA ILE A 341 -13.14 5.39 27.81
C ILE A 341 -12.47 4.05 28.01
N SER A 342 -13.27 3.03 28.34
CA SER A 342 -12.76 1.67 28.52
C SER A 342 -12.76 0.98 27.15
N GLY A 343 -11.75 1.31 26.35
CA GLY A 343 -11.62 0.71 25.04
C GLY A 343 -11.24 1.69 23.95
N ASP A 344 -11.69 1.41 22.73
CA ASP A 344 -11.28 2.13 21.54
C ASP A 344 -12.30 3.18 21.14
N LEU A 345 -11.85 4.13 20.33
CA LEU A 345 -12.69 5.22 19.85
C LEU A 345 -12.58 5.30 18.33
N HIS A 346 -13.71 5.25 17.65
CA HIS A 346 -13.76 5.28 16.20
C HIS A 346 -14.63 6.44 15.72
N ILE A 347 -14.11 7.22 14.78
CA ILE A 347 -14.87 8.26 14.09
C ILE A 347 -14.68 8.04 12.59
N LEU A 348 -15.78 7.76 11.89
CA LEU A 348 -15.74 7.32 10.51
C LEU A 348 -16.62 8.23 9.65
N PRO A 349 -16.37 8.26 8.34
CA PRO A 349 -17.21 9.10 7.46
C PRO A 349 -18.66 8.65 7.41
N VAL A 350 -18.93 7.37 7.68
CA VAL A 350 -20.31 6.89 7.74
C VAL A 350 -21.06 7.53 8.90
N ALA A 351 -20.35 8.11 9.87
CA ALA A 351 -21.01 8.81 10.95
C ALA A 351 -21.63 10.13 10.47
N PHE A 352 -20.91 10.85 9.60
CA PHE A 352 -21.39 12.13 9.09
C PHE A 352 -22.21 11.99 7.82
N ARG A 353 -22.09 10.88 7.11
CA ARG A 353 -22.94 10.61 5.95
C ARG A 353 -24.18 9.81 6.29
N GLY A 354 -24.25 9.25 7.50
CA GLY A 354 -25.34 8.37 7.86
C GLY A 354 -25.22 7.00 7.24
N ASP A 355 -26.03 6.07 7.74
CA ASP A 355 -26.03 4.70 7.24
C ASP A 355 -27.46 4.20 7.20
N SER A 356 -27.92 3.82 6.01
CA SER A 356 -29.27 3.30 5.86
C SER A 356 -29.40 1.91 6.47
N PHE A 357 -28.34 1.09 6.38
CA PHE A 357 -28.42 -0.28 6.84
C PHE A 357 -28.66 -0.36 8.35
N THR A 358 -28.21 0.64 9.10
CA THR A 358 -28.42 0.68 10.54
C THR A 358 -29.43 1.73 10.96
N HIS A 359 -30.13 2.35 10.00
CA HIS A 359 -31.12 3.39 10.29
C HIS A 359 -30.50 4.52 11.12
N THR A 360 -29.28 4.90 10.78
CA THR A 360 -28.55 5.94 11.51
C THR A 360 -28.54 7.22 10.71
N PRO A 361 -29.24 8.27 11.16
CA PRO A 361 -29.17 9.56 10.47
C PRO A 361 -27.81 10.20 10.64
N PRO A 362 -27.46 11.17 9.80
CA PRO A 362 -26.18 11.86 9.95
C PRO A 362 -25.98 12.40 11.36
N LEU A 363 -24.72 12.48 11.78
CA LEU A 363 -24.36 12.97 13.10
C LEU A 363 -24.25 14.50 13.05
N ASP A 364 -25.00 15.17 13.91
CA ASP A 364 -24.89 16.62 14.02
C ASP A 364 -23.51 16.98 14.56
N PRO A 365 -22.72 17.78 13.84
CA PRO A 365 -21.33 18.02 14.28
C PRO A 365 -21.22 18.61 15.67
N GLN A 366 -22.12 19.52 16.04
CA GLN A 366 -22.05 20.16 17.35
C GLN A 366 -22.05 19.15 18.49
N GLU A 367 -22.76 18.02 18.30
CA GLU A 367 -22.84 17.01 19.35
C GLU A 367 -21.49 16.42 19.70
N LEU A 368 -20.48 16.56 18.83
CA LEU A 368 -19.13 16.11 19.17
C LEU A 368 -18.63 16.79 20.44
N ASP A 369 -19.15 17.97 20.76
CA ASP A 369 -18.77 18.66 21.99
C ASP A 369 -19.01 17.81 23.23
N ILE A 370 -19.88 16.80 23.13
CA ILE A 370 -20.10 15.89 24.26
C ILE A 370 -18.79 15.28 24.73
N LEU A 371 -17.89 14.98 23.80
CA LEU A 371 -16.60 14.39 24.16
C LEU A 371 -15.65 15.37 24.85
N LYS A 372 -16.08 16.58 25.23
CA LYS A 372 -15.18 17.53 25.86
C LYS A 372 -14.77 17.10 27.27
N THR A 373 -15.50 16.18 27.88
CA THR A 373 -15.18 15.71 29.23
C THR A 373 -14.23 14.52 29.24
N VAL A 374 -13.95 13.92 28.07
CA VAL A 374 -13.09 12.75 28.01
C VAL A 374 -11.65 13.18 28.26
N LYS A 375 -11.02 12.60 29.29
CA LYS A 375 -9.64 12.87 29.62
C LYS A 375 -8.74 11.65 29.56
N GLU A 376 -9.29 10.46 29.32
CA GLU A 376 -8.50 9.24 29.31
C GLU A 376 -9.16 8.23 28.37
N ILE A 377 -8.34 7.59 27.55
CA ILE A 377 -8.79 6.53 26.65
C ILE A 377 -7.84 5.34 26.83
N THR A 378 -8.40 4.20 27.28
CA THR A 378 -7.57 3.02 27.50
C THR A 378 -7.07 2.44 26.18
N GLY A 379 -7.90 2.46 25.14
CA GLY A 379 -7.53 1.93 23.85
C GLY A 379 -6.90 2.96 22.94
N PHE A 380 -7.34 3.00 21.68
CA PHE A 380 -6.80 3.94 20.71
C PHE A 380 -7.84 4.97 20.31
N LEU A 381 -7.36 6.05 19.69
CA LEU A 381 -8.21 7.10 19.17
C LEU A 381 -8.04 7.14 17.65
N LEU A 382 -9.11 6.83 16.93
CA LEU A 382 -9.11 6.78 15.47
C LEU A 382 -10.08 7.83 14.94
N ILE A 383 -9.55 8.84 14.26
CA ILE A 383 -10.34 9.88 13.64
C ILE A 383 -10.06 9.84 12.14
N GLN A 384 -10.98 9.23 11.39
CA GLN A 384 -10.93 9.19 9.94
C GLN A 384 -11.99 10.07 9.30
N ALA A 385 -12.65 10.92 10.08
CA ALA A 385 -13.64 11.86 9.58
C ALA A 385 -13.80 12.97 10.59
N TRP A 386 -14.06 14.18 10.09
CA TRP A 386 -14.18 15.36 10.93
C TRP A 386 -14.92 16.42 10.15
N PRO A 387 -15.72 17.26 10.81
CA PRO A 387 -16.38 18.36 10.09
C PRO A 387 -15.36 19.27 9.44
N GLU A 388 -15.40 19.33 8.11
CA GLU A 388 -14.55 20.26 7.37
C GLU A 388 -14.75 21.68 7.86
N ASN A 389 -15.94 22.00 8.38
CA ASN A 389 -16.20 23.30 8.96
C ASN A 389 -15.26 23.60 10.12
N ARG A 390 -15.00 22.59 10.96
CA ARG A 390 -14.09 22.78 12.09
C ARG A 390 -12.65 22.83 11.61
N THR A 391 -11.79 23.45 12.43
CA THR A 391 -10.39 23.64 12.11
C THR A 391 -9.44 22.83 12.97
N ASP A 392 -9.90 22.27 14.09
CA ASP A 392 -9.06 21.48 14.97
C ASP A 392 -9.91 20.43 15.65
N LEU A 393 -9.26 19.59 16.46
CA LEU A 393 -9.95 18.57 17.25
C LEU A 393 -10.37 19.16 18.60
N HIS A 394 -11.26 20.15 18.54
CA HIS A 394 -11.70 20.84 19.74
C HIS A 394 -12.51 19.95 20.67
N ALA A 395 -13.06 18.84 20.16
CA ALA A 395 -13.81 17.93 21.01
C ALA A 395 -12.91 17.28 22.06
N PHE A 396 -11.67 17.00 21.69
CA PHE A 396 -10.68 16.41 22.61
C PHE A 396 -9.75 17.47 23.18
N GLU A 397 -10.30 18.63 23.52
CA GLU A 397 -9.48 19.72 24.07
C GLU A 397 -8.90 19.35 25.44
N ASN A 398 -9.62 18.55 26.22
CA ASN A 398 -9.19 18.18 27.57
C ASN A 398 -8.71 16.74 27.68
N LEU A 399 -8.57 16.04 26.54
CA LEU A 399 -8.02 14.69 26.58
C LEU A 399 -6.58 14.72 27.06
N GLU A 400 -6.28 13.93 28.08
CA GLU A 400 -4.98 13.97 28.75
C GLU A 400 -4.06 12.81 28.41
N ILE A 401 -4.57 11.59 28.31
CA ILE A 401 -3.72 10.42 28.15
C ILE A 401 -4.43 9.41 27.24
N ILE A 402 -3.65 8.74 26.40
CA ILE A 402 -4.10 7.59 25.62
C ILE A 402 -3.20 6.42 25.97
N ARG A 403 -3.78 5.39 26.59
CA ARG A 403 -2.99 4.27 27.07
C ARG A 403 -2.58 3.33 25.94
N GLY A 404 -3.47 3.12 24.97
CA GLY A 404 -3.15 2.22 23.88
C GLY A 404 -3.05 0.76 24.28
N ARG A 405 -3.81 0.35 25.30
CA ARG A 405 -3.83 -1.07 25.68
C ARG A 405 -4.33 -1.92 24.52
N THR A 406 -5.38 -1.46 23.85
CA THR A 406 -5.81 -2.03 22.58
C THR A 406 -5.43 -1.06 21.46
N LYS A 407 -4.82 -1.58 20.40
CA LYS A 407 -4.28 -0.76 19.33
C LYS A 407 -4.97 -1.09 18.01
N GLN A 408 -5.02 -0.10 17.13
CA GLN A 408 -5.66 -0.27 15.83
C GLN A 408 -4.79 -1.15 14.94
N HIS A 409 -5.33 -2.32 14.57
CA HIS A 409 -4.58 -3.33 13.82
C HIS A 409 -3.29 -3.72 14.54
N GLY A 410 -3.31 -3.68 15.88
CA GLY A 410 -2.17 -4.06 16.67
C GLY A 410 -1.00 -3.12 16.59
N GLN A 411 -1.21 -1.86 16.19
CA GLN A 411 -0.10 -0.95 15.96
C GLN A 411 -0.39 0.45 16.48
N PHE A 412 -1.37 1.12 15.89
CA PHE A 412 -1.58 2.55 16.13
C PHE A 412 -2.50 2.77 17.33
N SER A 413 -2.07 3.62 18.26
CA SER A 413 -2.91 4.10 19.34
C SER A 413 -3.53 5.46 19.05
N LEU A 414 -3.04 6.16 18.03
CA LEU A 414 -3.60 7.44 17.58
C LEU A 414 -3.54 7.46 16.06
N ALA A 415 -4.65 7.87 15.43
CA ALA A 415 -4.72 7.81 13.96
C ALA A 415 -5.59 8.96 13.48
N VAL A 416 -4.96 10.07 13.13
CA VAL A 416 -5.62 11.22 12.54
C VAL A 416 -5.41 11.14 11.03
N VAL A 417 -6.47 10.82 10.27
CA VAL A 417 -6.33 10.49 8.86
C VAL A 417 -7.36 11.25 8.05
N SER A 418 -6.89 11.95 7.00
CA SER A 418 -7.74 12.53 5.96
C SER A 418 -8.78 13.49 6.53
N LEU A 419 -8.39 14.26 7.54
CA LEU A 419 -9.24 15.30 8.07
C LEU A 419 -8.98 16.60 7.34
N ASN A 420 -9.81 17.61 7.63
CA ASN A 420 -9.67 18.93 7.05
C ASN A 420 -9.13 19.94 8.06
N ILE A 421 -8.60 19.47 9.19
CA ILE A 421 -8.17 20.38 10.24
C ILE A 421 -6.89 21.12 9.83
N THR A 422 -6.68 22.28 10.45
CA THR A 422 -5.45 23.04 10.30
C THR A 422 -4.47 22.81 11.44
N SER A 423 -4.98 22.54 12.65
CA SER A 423 -4.15 22.17 13.79
C SER A 423 -4.82 21.01 14.51
N LEU A 424 -4.06 20.39 15.41
CA LEU A 424 -4.60 19.26 16.16
C LEU A 424 -5.38 19.71 17.39
N GLY A 425 -4.86 20.71 18.11
CA GLY A 425 -5.57 21.24 19.26
C GLY A 425 -5.69 20.28 20.43
N LEU A 426 -4.75 19.35 20.56
CA LEU A 426 -4.75 18.42 21.70
C LEU A 426 -3.93 19.03 22.84
N ARG A 427 -4.47 20.14 23.37
CA ARG A 427 -3.72 20.95 24.32
C ARG A 427 -3.43 20.21 25.61
N SER A 428 -4.34 19.34 26.05
CA SER A 428 -4.18 18.65 27.33
C SER A 428 -3.51 17.30 27.21
N LEU A 429 -3.28 16.80 25.99
CA LEU A 429 -2.65 15.51 25.82
C LEU A 429 -1.21 15.56 26.30
N LYS A 430 -0.86 14.62 27.20
CA LYS A 430 0.47 14.60 27.80
C LYS A 430 1.13 13.23 27.79
N GLU A 431 0.39 12.15 27.54
CA GLU A 431 0.98 10.81 27.56
C GLU A 431 0.33 9.94 26.51
N ILE A 432 1.17 9.27 25.71
CA ILE A 432 0.75 8.18 24.84
C ILE A 432 1.55 6.97 25.27
N SER A 433 0.92 6.11 26.09
CA SER A 433 1.66 5.08 26.80
C SER A 433 2.31 4.08 25.85
N ASP A 434 1.54 3.52 24.93
CA ASP A 434 2.04 2.47 24.05
C ASP A 434 1.25 2.48 22.75
N GLY A 435 1.96 2.28 21.64
CA GLY A 435 1.32 2.27 20.34
C GLY A 435 1.83 3.37 19.42
N ASP A 436 1.95 3.06 18.13
CA ASP A 436 2.43 4.04 17.18
C ASP A 436 1.39 5.13 16.93
N VAL A 437 1.87 6.26 16.41
CA VAL A 437 1.02 7.39 16.06
C VAL A 437 1.16 7.63 14.55
N ILE A 438 0.03 7.68 13.85
CA ILE A 438 0.01 7.95 12.43
C ILE A 438 -0.85 9.18 12.18
N ILE A 439 -0.30 10.15 11.45
CA ILE A 439 -1.02 11.36 11.08
C ILE A 439 -0.70 11.62 9.61
N SER A 440 -1.69 11.41 8.75
CA SER A 440 -1.46 11.48 7.31
C SER A 440 -2.73 11.95 6.60
N GLY A 441 -2.53 12.50 5.41
CA GLY A 441 -3.63 12.91 4.55
C GLY A 441 -4.34 14.18 4.95
N ASN A 442 -3.94 14.81 6.06
CA ASN A 442 -4.58 16.04 6.53
C ASN A 442 -3.91 17.22 5.85
N LYS A 443 -4.36 17.51 4.63
CA LYS A 443 -3.67 18.41 3.71
C LYS A 443 -3.63 19.86 4.20
N ASN A 444 -4.39 20.22 5.23
CA ASN A 444 -4.32 21.56 5.80
C ASN A 444 -3.67 21.59 7.18
N LEU A 445 -3.35 20.43 7.76
CA LEU A 445 -2.71 20.38 9.06
C LEU A 445 -1.25 20.81 8.97
N CYS A 446 -0.81 21.61 9.94
CA CYS A 446 0.50 22.23 9.89
C CYS A 446 1.43 21.72 11.00
N TYR A 447 1.14 22.05 12.26
CA TYR A 447 2.10 21.97 13.35
C TYR A 447 2.42 20.54 13.78
N ALA A 448 1.92 19.53 13.08
CA ALA A 448 2.05 18.15 13.56
C ALA A 448 3.51 17.76 13.77
N ASN A 449 4.37 18.11 12.81
CA ASN A 449 5.78 17.72 12.90
C ASN A 449 6.56 18.51 13.94
N THR A 450 5.98 19.56 14.52
CA THR A 450 6.71 20.32 15.53
C THR A 450 6.78 19.59 16.86
N ILE A 451 5.80 18.72 17.13
CA ILE A 451 5.67 18.09 18.45
C ILE A 451 6.85 17.17 18.71
N ASN A 452 7.38 17.22 19.94
CA ASN A 452 8.38 16.27 20.40
C ASN A 452 7.65 15.06 20.96
N TRP A 453 7.33 14.12 20.07
CA TRP A 453 6.50 12.97 20.43
C TRP A 453 7.21 12.04 21.41
N LYS A 454 8.53 12.09 21.51
CA LYS A 454 9.24 11.25 22.46
C LYS A 454 8.90 11.64 23.90
N LYS A 455 8.54 12.91 24.13
CA LYS A 455 8.14 13.34 25.47
C LYS A 455 6.80 12.77 25.88
N LEU A 456 5.97 12.36 24.93
CA LEU A 456 4.67 11.77 25.23
C LEU A 456 4.72 10.25 25.31
N PHE A 457 5.62 9.62 24.57
CA PHE A 457 5.69 8.16 24.54
C PHE A 457 6.18 7.63 25.89
N GLY A 458 5.62 6.49 26.29
CA GLY A 458 6.04 5.84 27.52
C GLY A 458 6.79 4.55 27.26
N THR A 459 6.48 3.90 26.13
CA THR A 459 7.12 2.65 25.75
C THR A 459 8.18 2.91 24.69
N SER A 460 9.33 2.27 24.85
CA SER A 460 10.40 2.38 23.87
C SER A 460 10.03 1.65 22.59
N GLY A 461 10.30 2.29 21.45
CA GLY A 461 10.02 1.71 20.15
C GLY A 461 8.78 2.24 19.47
N GLN A 462 8.07 3.19 20.06
CA GLN A 462 6.89 3.76 19.43
C GLN A 462 7.30 4.63 18.25
N LYS A 463 6.61 4.46 17.13
CA LYS A 463 6.95 5.13 15.88
C LYS A 463 5.91 6.21 15.55
N THR A 464 6.31 7.12 14.66
CA THR A 464 5.43 8.15 14.14
C THR A 464 5.45 8.10 12.62
N LYS A 465 4.26 8.20 12.01
CA LYS A 465 4.09 8.24 10.56
C LYS A 465 3.28 9.48 10.23
N ILE A 466 3.94 10.63 10.28
CA ILE A 466 3.31 11.93 10.07
C ILE A 466 3.73 12.41 8.70
N ILE A 467 2.89 12.19 7.69
CA ILE A 467 3.27 12.41 6.29
C ILE A 467 2.06 12.92 5.52
N SER A 468 2.34 13.59 4.40
CA SER A 468 1.32 13.98 3.42
C SER A 468 0.29 14.92 4.02
N ASN A 469 0.70 15.74 4.99
CA ASN A 469 -0.19 16.79 5.49
C ASN A 469 0.02 18.06 4.67
N ARG A 470 0.33 19.17 5.34
CA ARG A 470 0.71 20.40 4.66
C ARG A 470 2.20 20.62 4.81
N GLY A 471 2.83 21.16 3.77
CA GLY A 471 4.27 21.33 3.79
C GLY A 471 4.73 22.26 4.90
N GLU A 472 5.90 21.95 5.45
CA GLU A 472 6.47 22.78 6.51
C GLU A 472 6.77 24.18 5.99
N ASN A 473 7.37 24.28 4.80
CA ASN A 473 7.62 25.59 4.21
C ASN A 473 6.32 26.30 3.85
N SER A 474 5.28 25.56 3.51
CA SER A 474 3.99 26.17 3.19
C SER A 474 3.38 26.84 4.43
N CYS A 475 3.52 26.20 5.59
CA CYS A 475 3.05 26.82 6.83
C CYS A 475 3.98 27.93 7.30
N LYS A 476 5.28 27.81 7.01
CA LYS A 476 6.22 28.87 7.37
C LYS A 476 5.94 30.14 6.57
N ALA A 477 5.67 30.01 5.27
CA ALA A 477 5.36 31.15 4.41
C ALA A 477 3.97 31.74 4.65
N THR A 478 3.26 31.23 5.66
CA THR A 478 1.93 31.73 6.00
C THR A 478 1.85 32.21 7.45
N GLY A 479 2.92 32.05 8.22
CA GLY A 479 2.91 32.40 9.62
C GLY A 479 2.31 31.35 10.53
N GLN A 480 1.65 30.34 9.97
CA GLN A 480 1.06 29.26 10.76
C GLN A 480 2.16 28.38 11.34
N VAL A 481 2.91 28.93 12.30
CA VAL A 481 4.00 28.24 12.96
C VAL A 481 3.76 28.30 14.47
N CYS A 482 4.56 27.54 15.22
CA CYS A 482 4.45 27.56 16.66
C CYS A 482 4.67 28.97 17.20
N HIS A 483 3.93 29.32 18.25
CA HIS A 483 4.01 30.66 18.82
C HIS A 483 5.41 30.94 19.34
N ALA A 484 5.74 32.23 19.42
CA ALA A 484 7.05 32.62 19.93
C ALA A 484 7.22 32.23 21.40
N LEU A 485 6.11 32.17 22.15
CA LEU A 485 6.15 31.71 23.53
C LEU A 485 6.35 30.21 23.66
N CYS A 486 6.26 29.46 22.56
CA CYS A 486 6.38 28.01 22.62
C CYS A 486 7.83 27.61 22.87
N SER A 487 8.01 26.33 23.14
CA SER A 487 9.30 25.69 23.34
C SER A 487 9.62 24.79 22.15
N PRO A 488 10.89 24.45 21.93
CA PRO A 488 11.22 23.51 20.84
C PRO A 488 10.49 22.18 20.90
N GLU A 489 9.74 21.90 21.98
CA GLU A 489 8.97 20.66 22.05
C GLU A 489 7.78 20.64 21.09
N GLY A 490 7.42 21.77 20.51
CA GLY A 490 6.37 21.85 19.52
C GLY A 490 5.13 22.55 20.04
N CYS A 491 4.07 22.43 19.25
CA CYS A 491 2.80 23.08 19.56
C CYS A 491 1.66 22.33 18.90
N TRP A 492 0.49 22.37 19.53
CA TRP A 492 -0.73 21.81 18.98
C TRP A 492 -1.50 22.82 18.12
N GLY A 493 -1.01 24.05 18.04
CA GLY A 493 -1.65 25.10 17.28
C GLY A 493 -0.86 26.39 17.35
N PRO A 494 -1.46 27.49 16.90
CA PRO A 494 -0.74 28.77 16.87
C PRO A 494 -0.80 29.58 18.16
N GLU A 495 -1.57 29.14 19.15
CA GLU A 495 -1.77 29.92 20.36
C GLU A 495 -0.78 29.52 21.45
N PRO A 496 -0.49 30.42 22.39
CA PRO A 496 0.39 30.04 23.52
C PRO A 496 -0.18 28.92 24.35
N ARG A 497 -1.51 28.79 24.44
CA ARG A 497 -2.12 27.67 25.14
C ARG A 497 -1.94 26.36 24.39
N ASP A 498 -1.42 26.40 23.16
CA ASP A 498 -1.18 25.20 22.37
C ASP A 498 0.26 24.71 22.44
N CYS A 499 1.15 25.45 23.09
CA CYS A 499 2.52 25.00 23.25
C CYS A 499 2.57 23.76 24.13
N VAL A 500 3.54 22.89 23.85
CA VAL A 500 3.72 21.72 24.70
C VAL A 500 4.45 22.09 25.98
N SER A 501 5.40 23.03 25.91
CA SER A 501 6.09 23.55 27.08
C SER A 501 6.03 25.07 27.04
N HIS A 502 6.21 25.68 28.22
CA HIS A 502 5.96 27.11 28.41
C HIS A 502 4.55 27.48 27.96
N HIS A 503 3.58 26.65 28.34
CA HIS A 503 2.23 26.76 27.83
C HIS A 503 1.35 27.56 28.79
N HIS A 504 0.05 27.58 28.53
CA HIS A 504 -0.89 28.29 29.38
C HIS A 504 -1.77 27.30 30.15
N CYS B 13 -20.13 -1.15 -17.26
CA CYS B 13 -21.42 -1.18 -16.57
C CYS B 13 -22.56 -1.54 -17.51
N LEU B 14 -22.70 -0.79 -18.60
CA LEU B 14 -23.80 -0.97 -19.53
C LEU B 14 -23.36 -1.44 -20.90
N GLU B 15 -22.06 -1.69 -21.11
CA GLU B 15 -21.53 -2.08 -22.41
C GLU B 15 -20.86 -3.44 -22.28
N ASP B 16 -21.53 -4.48 -22.79
CA ASP B 16 -21.03 -5.85 -22.73
C ASP B 16 -20.63 -6.22 -21.31
N HIS B 17 -21.63 -6.22 -20.43
CA HIS B 17 -21.41 -6.21 -18.98
C HIS B 17 -21.43 -7.64 -18.43
N ASN B 18 -20.37 -8.37 -18.76
CA ASN B 18 -20.18 -9.72 -18.24
C ASN B 18 -18.89 -9.86 -17.45
N SER B 19 -17.75 -9.47 -18.03
CA SER B 19 -16.46 -9.64 -17.37
C SER B 19 -15.52 -8.49 -17.74
N TYR B 20 -16.06 -7.26 -17.78
CA TYR B 20 -15.26 -6.12 -18.23
C TYR B 20 -14.13 -5.83 -17.24
N CYS B 21 -14.46 -5.59 -15.99
CA CYS B 21 -13.47 -5.33 -14.95
C CYS B 21 -13.31 -6.58 -14.10
N ILE B 22 -12.09 -7.12 -14.07
CA ILE B 22 -11.88 -8.46 -13.55
C ILE B 22 -11.90 -8.47 -12.02
N ASN B 23 -11.18 -7.55 -11.39
CA ASN B 23 -11.04 -7.50 -9.94
C ASN B 23 -11.55 -6.15 -9.44
N GLY B 24 -12.84 -5.93 -9.57
CA GLY B 24 -13.44 -4.69 -9.12
C GLY B 24 -14.89 -4.60 -9.54
N ALA B 25 -15.49 -3.45 -9.21
CA ALA B 25 -16.87 -3.16 -9.54
C ALA B 25 -16.93 -1.96 -10.47
N CYS B 26 -17.70 -2.09 -11.55
CA CYS B 26 -17.81 -1.01 -12.54
C CYS B 26 -18.51 0.21 -11.94
N CYS B 37 -14.06 1.68 -13.57
CA CYS B 37 -14.43 0.83 -12.44
C CYS B 37 -13.48 1.01 -11.26
N ARG B 38 -14.03 0.89 -10.06
CA ARG B 38 -13.23 0.92 -8.84
C ARG B 38 -12.68 -0.48 -8.59
N CYS B 39 -11.36 -0.58 -8.47
CA CYS B 39 -10.71 -1.87 -8.27
C CYS B 39 -10.58 -2.19 -6.78
N PHE B 40 -10.45 -3.47 -6.48
CA PHE B 40 -10.26 -3.92 -5.11
C PHE B 40 -8.84 -3.60 -4.65
N THR B 41 -8.58 -3.86 -3.37
CA THR B 41 -7.26 -3.60 -2.80
C THR B 41 -6.25 -4.56 -3.40
N GLY B 42 -5.21 -4.02 -4.02
CA GLY B 42 -4.19 -4.82 -4.68
C GLY B 42 -4.32 -4.93 -6.18
N TYR B 43 -5.17 -4.12 -6.81
CA TYR B 43 -5.37 -4.16 -8.25
C TYR B 43 -5.49 -2.74 -8.78
N THR B 44 -5.11 -2.57 -10.05
CA THR B 44 -5.12 -1.25 -10.67
C THR B 44 -5.32 -1.41 -12.18
N GLY B 45 -5.54 -0.28 -12.84
CA GLY B 45 -5.71 -0.23 -14.28
C GLY B 45 -7.10 0.23 -14.67
N GLU B 46 -7.23 0.51 -15.98
CA GLU B 46 -8.54 0.84 -16.56
C GLU B 46 -9.50 -0.30 -16.27
N ARG B 47 -9.25 -1.46 -16.87
CA ARG B 47 -9.76 -2.71 -16.33
C ARG B 47 -8.84 -3.13 -15.18
N CYS B 48 -9.42 -3.68 -14.13
CA CYS B 48 -8.62 -4.11 -12.99
C CYS B 48 -7.70 -5.25 -13.43
N GLU B 49 -6.54 -4.90 -13.97
CA GLU B 49 -5.65 -5.84 -14.64
C GLU B 49 -4.37 -6.12 -13.86
N HIS B 50 -3.68 -5.09 -13.39
CA HIS B 50 -2.37 -5.25 -12.77
C HIS B 50 -2.50 -5.39 -11.26
N LEU B 51 -1.38 -5.75 -10.64
CA LEU B 51 -1.29 -5.88 -9.18
C LEU B 51 -0.60 -4.64 -8.62
N THR B 52 -1.05 -4.22 -7.43
CA THR B 52 -0.47 -3.04 -6.79
C THR B 52 1.02 -3.25 -6.57
N LEU B 53 1.82 -2.35 -7.14
CA LEU B 53 3.27 -2.50 -7.24
C LEU B 53 3.93 -1.76 -6.08
N THR B 54 4.04 -2.44 -4.95
CA THR B 54 4.68 -1.88 -3.76
C THR B 54 5.41 -2.96 -2.97
N SER C 19 -26.32 -1.53 0.03
CA SER C 19 -26.02 -0.49 1.00
C SER C 19 -25.20 -1.04 2.16
N TYR C 20 -25.07 -2.37 2.20
CA TYR C 20 -24.29 -3.01 3.26
C TYR C 20 -22.82 -2.64 3.15
N CYS C 21 -22.19 -2.99 2.03
CA CYS C 21 -20.79 -2.67 1.79
C CYS C 21 -20.69 -1.19 1.43
N ILE C 22 -20.11 -0.39 2.33
CA ILE C 22 -20.08 1.05 2.14
C ILE C 22 -19.12 1.42 1.01
N ASN C 23 -17.94 0.80 0.98
CA ASN C 23 -16.93 1.05 -0.04
C ASN C 23 -16.36 -0.26 -0.56
N GLY C 24 -17.23 -1.14 -1.04
CA GLY C 24 -16.78 -2.41 -1.56
C GLY C 24 -17.92 -3.14 -2.25
N ALA C 25 -17.55 -4.23 -2.91
CA ALA C 25 -18.53 -5.09 -3.57
C ALA C 25 -19.00 -6.19 -2.63
N CYS C 26 -20.29 -6.45 -2.65
CA CYS C 26 -20.89 -7.45 -1.75
C CYS C 26 -20.93 -8.80 -2.43
N ALA C 27 -20.59 -9.84 -1.66
CA ALA C 27 -20.68 -11.22 -2.14
C ALA C 27 -21.18 -12.09 -1.01
N PHE C 28 -22.17 -12.94 -1.30
CA PHE C 28 -22.80 -13.78 -0.29
C PHE C 28 -22.14 -15.15 -0.27
N HIS C 29 -21.65 -15.56 0.90
CA HIS C 29 -21.25 -16.94 1.12
C HIS C 29 -22.46 -17.68 1.70
N HIS C 30 -23.06 -18.55 0.89
CA HIS C 30 -24.25 -19.27 1.30
C HIS C 30 -23.94 -20.39 2.29
N GLU C 31 -22.70 -20.88 2.31
CA GLU C 31 -22.32 -21.88 3.30
C GLU C 31 -22.11 -21.25 4.67
N LEU C 32 -21.53 -20.06 4.72
CA LEU C 32 -21.45 -19.29 5.95
C LEU C 32 -22.71 -18.49 6.22
N GLU C 33 -23.60 -18.36 5.23
CA GLU C 33 -24.77 -17.50 5.32
C GLU C 33 -24.38 -16.07 5.73
N LYS C 34 -23.29 -15.58 5.13
CA LYS C 34 -22.78 -14.27 5.51
C LYS C 34 -22.43 -13.44 4.30
N ALA C 35 -22.69 -12.14 4.38
CA ALA C 35 -22.33 -11.19 3.34
C ALA C 35 -20.93 -10.67 3.60
N ILE C 36 -20.02 -10.97 2.70
CA ILE C 36 -18.62 -10.54 2.78
C ILE C 36 -18.43 -9.35 1.85
N CYS C 37 -17.81 -8.29 2.36
CA CYS C 37 -17.53 -7.08 1.60
C CYS C 37 -16.08 -7.10 1.14
N ARG C 38 -15.89 -7.07 -0.17
CA ARG C 38 -14.56 -6.96 -0.77
C ARG C 38 -14.30 -5.49 -1.06
N CYS C 39 -13.43 -4.87 -0.26
CA CYS C 39 -13.28 -3.43 -0.27
C CYS C 39 -12.50 -2.96 -1.49
N PHE C 40 -12.51 -1.64 -1.69
CA PHE C 40 -11.94 -1.04 -2.89
C PHE C 40 -10.47 -0.66 -2.68
N THR C 41 -10.02 0.37 -3.41
CA THR C 41 -8.59 0.66 -3.48
C THR C 41 -8.01 1.03 -2.12
N GLY C 42 -8.70 1.89 -1.37
CA GLY C 42 -8.16 2.35 -0.11
C GLY C 42 -9.12 2.28 1.07
N TYR C 43 -9.83 1.16 1.18
CA TYR C 43 -10.75 0.95 2.29
C TYR C 43 -10.59 -0.45 2.84
N THR C 44 -11.07 -0.64 4.07
CA THR C 44 -11.03 -1.94 4.73
C THR C 44 -12.10 -1.97 5.80
N GLY C 45 -12.30 -3.15 6.37
CA GLY C 45 -13.30 -3.35 7.40
C GLY C 45 -14.35 -4.36 6.98
N GLU C 46 -15.22 -4.69 7.94
CA GLU C 46 -16.30 -5.64 7.68
C GLU C 46 -17.25 -5.11 6.61
N ARG C 47 -17.67 -3.85 6.75
CA ARG C 47 -18.51 -3.19 5.76
C ARG C 47 -17.74 -2.18 4.93
N CYS C 48 -16.41 -2.32 4.88
CA CYS C 48 -15.54 -1.39 4.15
C CYS C 48 -15.76 0.05 4.63
N GLU C 49 -15.80 0.21 5.95
CA GLU C 49 -16.07 1.48 6.58
C GLU C 49 -14.83 2.16 7.14
N HIS C 50 -13.68 1.50 7.08
CA HIS C 50 -12.43 2.03 7.61
C HIS C 50 -11.47 2.36 6.48
N LEU C 51 -10.78 3.48 6.62
CA LEU C 51 -9.72 3.86 5.68
C LEU C 51 -8.46 3.08 6.01
N THR C 52 -7.82 2.52 4.98
CA THR C 52 -6.63 1.71 5.18
C THR C 52 -5.51 2.53 5.80
N LEU C 53 -4.89 1.99 6.84
CA LEU C 53 -3.82 2.65 7.57
C LEU C 53 -2.49 2.06 7.13
N THR C 54 -1.65 2.88 6.50
CA THR C 54 -0.33 2.44 6.06
C THR C 54 0.66 2.41 7.21
N LEU D 1 19.49 30.75 -20.74
CA LEU D 1 19.96 29.61 -21.52
C LEU D 1 21.05 28.86 -20.78
N GLU D 2 20.65 27.86 -20.00
CA GLU D 2 21.58 27.10 -19.16
C GLU D 2 21.11 25.66 -19.07
N GLU D 3 21.94 24.83 -18.44
CA GLU D 3 21.58 23.44 -18.21
C GLU D 3 20.41 23.37 -17.23
N LYS D 4 19.35 22.67 -17.64
CA LYS D 4 18.13 22.58 -16.86
C LYS D 4 17.87 21.15 -16.43
N LYS D 5 17.12 21.00 -15.35
CA LYS D 5 16.71 19.69 -14.87
C LYS D 5 15.56 19.19 -15.72
N VAL D 6 15.78 18.08 -16.42
CA VAL D 6 14.81 17.54 -17.36
C VAL D 6 14.10 16.35 -16.74
N CYS D 7 12.90 16.07 -17.24
CA CYS D 7 12.14 14.88 -16.85
C CYS D 7 11.38 14.37 -18.07
N GLN D 8 11.13 13.07 -18.09
CA GLN D 8 10.57 12.44 -19.28
C GLN D 8 9.09 12.76 -19.47
N GLY D 9 8.36 13.03 -18.40
CA GLY D 9 6.94 13.28 -18.51
C GLY D 9 6.12 12.01 -18.47
N THR D 10 4.84 12.16 -18.75
CA THR D 10 3.90 11.05 -18.73
C THR D 10 3.06 11.02 -20.00
N SER D 11 2.42 9.88 -20.22
CA SER D 11 1.46 9.72 -21.31
C SER D 11 0.21 8.97 -20.85
N ASN D 12 -0.11 9.02 -19.56
CA ASN D 12 -1.23 8.25 -19.01
C ASN D 12 -2.56 8.81 -19.44
N LYS D 13 -2.62 10.13 -19.62
CA LYS D 13 -3.77 10.84 -20.19
C LYS D 13 -4.92 10.73 -19.18
N LEU D 14 -6.11 10.23 -19.56
CA LEU D 14 -7.31 10.29 -18.70
C LEU D 14 -7.41 9.18 -17.64
N THR D 15 -6.42 8.30 -17.56
CA THR D 15 -6.44 7.18 -16.65
C THR D 15 -5.89 7.62 -15.30
N GLN D 16 -6.63 7.30 -14.24
CA GLN D 16 -6.23 7.59 -12.88
C GLN D 16 -5.43 6.41 -12.36
N LEU D 17 -4.11 6.60 -12.20
CA LEU D 17 -3.23 5.55 -11.70
C LEU D 17 -3.42 5.41 -10.20
N GLY D 18 -4.08 4.34 -9.77
CA GLY D 18 -4.29 4.12 -8.36
C GLY D 18 -5.33 5.08 -7.78
N THR D 19 -5.20 5.32 -6.47
CA THR D 19 -6.11 6.22 -5.79
C THR D 19 -5.79 7.67 -6.15
N PHE D 20 -6.62 8.58 -5.62
CA PHE D 20 -6.28 10.01 -5.70
C PHE D 20 -4.92 10.26 -5.06
N GLU D 21 -4.69 9.68 -3.88
CA GLU D 21 -3.41 9.82 -3.20
C GLU D 21 -2.27 9.24 -4.04
N ASP D 22 -2.44 8.00 -4.52
CA ASP D 22 -1.38 7.36 -5.28
C ASP D 22 -1.13 8.08 -6.60
N HIS D 23 -2.20 8.52 -7.27
CA HIS D 23 -2.04 9.25 -8.52
C HIS D 23 -1.30 10.56 -8.29
N PHE D 24 -1.62 11.27 -7.19
CA PHE D 24 -0.94 12.53 -6.91
C PHE D 24 0.52 12.29 -6.49
N LEU D 25 0.79 11.20 -5.78
CA LEU D 25 2.17 10.91 -5.39
C LEU D 25 3.00 10.51 -6.60
N SER D 26 2.41 9.81 -7.55
CA SER D 26 3.11 9.51 -8.79
C SER D 26 3.37 10.79 -9.59
N LEU D 27 2.35 11.65 -9.70
CA LEU D 27 2.53 12.93 -10.38
C LEU D 27 3.65 13.74 -9.75
N GLN D 28 3.66 13.84 -8.41
CA GLN D 28 4.69 14.60 -7.72
C GLN D 28 6.05 13.96 -7.87
N ARG D 29 6.10 12.63 -7.87
CA ARG D 29 7.38 11.93 -8.02
C ARG D 29 7.94 12.09 -9.43
N MET D 30 7.09 12.30 -10.43
CA MET D 30 7.56 12.42 -11.80
C MET D 30 8.08 13.83 -12.09
N PHE D 31 7.24 14.85 -11.89
CA PHE D 31 7.55 16.21 -12.31
C PHE D 31 8.19 17.04 -11.22
N ASN D 32 8.71 16.41 -10.16
CA ASN D 32 9.41 17.15 -9.12
C ASN D 32 10.71 17.71 -9.65
N ASN D 33 11.03 18.93 -9.24
CA ASN D 33 12.29 19.60 -9.58
C ASN D 33 12.54 19.62 -11.09
N CYS D 34 11.50 19.49 -11.89
CA CYS D 34 11.65 19.46 -13.34
C CYS D 34 11.55 20.87 -13.91
N GLU D 35 12.40 21.15 -14.89
CA GLU D 35 12.38 22.42 -15.61
C GLU D 35 12.11 22.28 -17.09
N VAL D 36 12.42 21.13 -17.69
CA VAL D 36 12.12 20.85 -19.09
C VAL D 36 11.45 19.49 -19.15
N VAL D 37 10.22 19.44 -19.66
CA VAL D 37 9.49 18.19 -19.81
C VAL D 37 9.72 17.69 -21.23
N LEU D 38 10.52 16.62 -21.35
CA LEU D 38 10.83 16.08 -22.67
C LEU D 38 9.61 15.45 -23.32
N GLY D 39 8.70 14.89 -22.52
CA GLY D 39 7.48 14.31 -23.06
C GLY D 39 6.28 15.21 -22.90
N ASN D 40 5.26 14.75 -22.20
CA ASN D 40 4.02 15.49 -22.03
C ASN D 40 3.74 15.72 -20.55
N LEU D 41 3.24 16.91 -20.23
CA LEU D 41 2.86 17.27 -18.87
C LEU D 41 1.37 17.00 -18.69
N GLU D 42 1.03 16.08 -17.80
CA GLU D 42 -0.35 15.64 -17.59
C GLU D 42 -0.72 15.84 -16.13
N ILE D 43 -1.52 16.87 -15.86
CA ILE D 43 -2.04 17.16 -14.54
C ILE D 43 -3.50 16.71 -14.51
N THR D 44 -3.79 15.62 -13.82
CA THR D 44 -5.13 15.04 -13.79
C THR D 44 -5.45 14.53 -12.39
N TYR D 45 -6.75 14.55 -12.06
CA TYR D 45 -7.28 13.96 -10.84
C TYR D 45 -6.64 14.53 -9.58
N VAL D 46 -6.23 15.79 -9.63
CA VAL D 46 -5.72 16.46 -8.44
C VAL D 46 -6.90 17.00 -7.64
N GLN D 47 -7.07 16.51 -6.42
CA GLN D 47 -8.18 16.91 -5.59
C GLN D 47 -7.83 18.17 -4.82
N ARG D 48 -8.76 18.63 -3.99
CA ARG D 48 -8.61 19.91 -3.30
C ARG D 48 -7.54 19.84 -2.22
N ASN D 49 -6.96 21.01 -1.92
CA ASN D 49 -5.97 21.19 -0.85
C ASN D 49 -4.68 20.42 -1.10
N TYR D 50 -4.46 19.96 -2.33
CA TYR D 50 -3.20 19.32 -2.69
C TYR D 50 -2.22 20.37 -3.18
N ASP D 51 -1.01 20.36 -2.61
CA ASP D 51 -0.01 21.36 -2.92
C ASP D 51 0.63 21.05 -4.27
N LEU D 52 0.26 21.83 -5.29
CA LEU D 52 0.83 21.70 -6.62
C LEU D 52 1.92 22.73 -6.89
N SER D 53 2.49 23.32 -5.84
CA SER D 53 3.50 24.35 -6.02
C SER D 53 4.77 23.82 -6.68
N PHE D 54 5.01 22.50 -6.62
CA PHE D 54 6.17 21.93 -7.29
C PHE D 54 6.11 22.09 -8.80
N LEU D 55 4.95 22.45 -9.36
CA LEU D 55 4.84 22.76 -10.78
C LEU D 55 5.32 24.17 -11.11
N LYS D 56 5.71 24.96 -10.11
CA LYS D 56 6.22 26.31 -10.38
C LYS D 56 7.58 26.29 -11.06
N THR D 57 8.29 25.17 -11.00
CA THR D 57 9.63 25.07 -11.58
C THR D 57 9.61 24.72 -13.07
N ILE D 58 8.48 24.27 -13.59
CA ILE D 58 8.43 23.84 -15.00
C ILE D 58 8.45 25.06 -15.90
N GLN D 59 9.35 25.05 -16.88
CA GLN D 59 9.48 26.13 -17.84
C GLN D 59 9.16 25.73 -19.27
N GLU D 60 9.46 24.50 -19.67
CA GLU D 60 9.24 24.03 -21.03
C GLU D 60 8.56 22.66 -21.00
N VAL D 61 7.73 22.42 -22.01
CA VAL D 61 7.08 21.13 -22.22
C VAL D 61 7.15 20.84 -23.71
N ALA D 62 7.88 19.78 -24.08
CA ALA D 62 8.08 19.48 -25.50
C ALA D 62 6.80 18.94 -26.14
N GLY D 63 6.03 18.15 -25.39
CA GLY D 63 4.80 17.59 -25.91
C GLY D 63 3.60 18.47 -25.64
N TYR D 64 2.55 17.89 -25.08
CA TYR D 64 1.33 18.62 -24.76
C TYR D 64 1.16 18.75 -23.25
N VAL D 65 0.21 19.60 -22.86
CA VAL D 65 -0.11 19.86 -21.47
C VAL D 65 -1.60 19.59 -21.30
N LEU D 66 -1.93 18.56 -20.52
CA LEU D 66 -3.32 18.12 -20.33
C LEU D 66 -3.69 18.33 -18.87
N ILE D 67 -4.41 19.40 -18.60
CA ILE D 67 -4.92 19.71 -17.26
C ILE D 67 -6.40 19.34 -17.26
N ALA D 68 -6.72 18.19 -16.67
CA ALA D 68 -8.08 17.66 -16.78
C ALA D 68 -8.52 16.97 -15.50
N LEU D 69 -9.81 17.10 -15.20
CA LEU D 69 -10.46 16.34 -14.13
C LEU D 69 -9.85 16.64 -12.76
N ASN D 70 -9.55 17.92 -12.51
CA ASN D 70 -8.99 18.36 -11.25
C ASN D 70 -10.01 19.20 -10.49
N THR D 71 -9.95 19.10 -9.15
CA THR D 71 -10.77 19.91 -8.28
C THR D 71 -9.96 20.88 -7.44
N VAL D 72 -8.63 20.84 -7.53
CA VAL D 72 -7.79 21.74 -6.77
C VAL D 72 -8.05 23.18 -7.22
N GLU D 73 -7.84 24.12 -6.30
CA GLU D 73 -8.13 25.52 -6.59
C GLU D 73 -7.04 26.20 -7.41
N ARG D 74 -5.78 25.82 -7.20
CA ARG D 74 -4.65 26.49 -7.84
C ARG D 74 -3.70 25.48 -8.43
N ILE D 75 -3.38 25.65 -9.71
CA ILE D 75 -2.35 24.86 -10.38
C ILE D 75 -1.25 25.82 -10.82
N PRO D 76 -0.27 26.09 -9.97
CA PRO D 76 0.72 27.16 -10.22
C PRO D 76 1.78 26.83 -11.27
N LEU D 77 1.39 26.88 -12.54
CA LEU D 77 2.33 26.85 -13.65
C LEU D 77 2.85 28.26 -13.93
N GLU D 78 3.47 28.84 -12.90
CA GLU D 78 3.83 30.25 -12.93
C GLU D 78 4.99 30.53 -13.87
N ASN D 79 5.87 29.54 -14.09
CA ASN D 79 7.07 29.76 -14.87
C ASN D 79 7.08 28.97 -16.18
N LEU D 80 5.96 28.38 -16.58
CA LEU D 80 5.89 27.70 -17.87
C LEU D 80 5.96 28.74 -18.98
N GLN D 81 6.95 28.60 -19.86
CA GLN D 81 7.19 29.58 -20.91
C GLN D 81 6.76 29.10 -22.30
N ILE D 82 6.96 27.83 -22.63
CA ILE D 82 6.68 27.34 -23.96
C ILE D 82 6.12 25.91 -23.87
N ILE D 83 5.15 25.63 -24.74
CA ILE D 83 4.69 24.27 -25.00
C ILE D 83 5.03 23.97 -26.45
N ARG D 84 6.07 23.16 -26.65
CA ARG D 84 6.58 22.95 -28.00
C ARG D 84 5.58 22.24 -28.90
N GLY D 85 4.73 21.38 -28.33
CA GLY D 85 3.71 20.71 -29.11
C GLY D 85 4.25 19.74 -30.14
N ASN D 86 5.33 19.04 -29.84
CA ASN D 86 5.84 18.00 -30.72
C ASN D 86 5.00 16.73 -30.67
N MET D 87 3.94 16.72 -29.87
CA MET D 87 2.99 15.61 -29.81
C MET D 87 1.67 16.15 -29.31
N TYR D 88 0.60 15.92 -30.08
CA TYR D 88 -0.69 16.49 -29.76
C TYR D 88 -1.46 15.58 -28.81
N TYR D 89 -2.65 16.02 -28.42
CA TYR D 89 -3.48 15.30 -27.46
C TYR D 89 -4.60 14.56 -28.18
N GLU D 90 -5.66 15.25 -28.56
CA GLU D 90 -6.72 14.67 -29.37
C GLU D 90 -6.54 15.00 -30.85
N ASN D 91 -5.29 14.96 -31.30
CA ASN D 91 -4.81 15.16 -32.66
C ASN D 91 -4.83 16.64 -33.07
N SER D 92 -5.19 17.56 -32.18
CA SER D 92 -5.23 18.96 -32.55
C SER D 92 -4.75 19.93 -31.47
N TYR D 93 -4.52 19.49 -30.24
CA TYR D 93 -4.28 20.42 -29.13
C TYR D 93 -2.95 20.13 -28.46
N ALA D 94 -2.15 21.18 -28.29
CA ALA D 94 -0.95 21.12 -27.46
C ALA D 94 -1.23 21.52 -26.01
N LEU D 95 -2.36 22.16 -25.75
CA LEU D 95 -2.80 22.48 -24.40
C LEU D 95 -4.30 22.22 -24.31
N ALA D 96 -4.71 21.45 -23.30
CA ALA D 96 -6.11 21.10 -23.12
C ALA D 96 -6.45 21.08 -21.64
N VAL D 97 -7.33 21.99 -21.22
CA VAL D 97 -7.82 22.05 -19.85
C VAL D 97 -9.30 21.67 -19.89
N LEU D 98 -9.64 20.50 -19.36
CA LEU D 98 -10.95 19.90 -19.60
C LEU D 98 -11.56 19.37 -18.32
N SER D 99 -12.85 19.66 -18.12
CA SER D 99 -13.68 19.01 -17.10
C SER D 99 -13.04 19.08 -15.71
N ASN D 100 -12.48 20.25 -15.38
CA ASN D 100 -11.87 20.45 -14.06
C ASN D 100 -12.93 20.97 -13.08
N TYR D 101 -13.89 20.08 -12.80
CA TYR D 101 -14.96 20.39 -11.85
C TYR D 101 -15.46 19.11 -11.23
N ASP D 102 -15.97 19.23 -10.00
CA ASP D 102 -16.56 18.11 -9.28
C ASP D 102 -18.05 18.34 -9.12
N ALA D 103 -18.73 17.34 -8.54
CA ALA D 103 -20.17 17.44 -8.35
C ALA D 103 -20.57 18.56 -7.40
N ASN D 104 -19.63 19.09 -6.63
CA ASN D 104 -19.88 20.22 -5.75
C ASN D 104 -19.70 21.57 -6.45
N LYS D 105 -19.65 21.57 -7.79
CA LYS D 105 -19.44 22.75 -8.61
C LYS D 105 -18.14 23.47 -8.32
N THR D 106 -17.25 22.87 -7.54
CA THR D 106 -15.97 23.47 -7.18
C THR D 106 -14.86 22.82 -8.00
N GLY D 107 -14.03 23.65 -8.61
CA GLY D 107 -12.96 23.14 -9.44
C GLY D 107 -11.83 24.14 -9.59
N LEU D 108 -11.07 23.96 -10.66
CA LEU D 108 -9.91 24.80 -10.94
C LEU D 108 -10.33 26.26 -11.01
N LYS D 109 -9.78 27.08 -10.11
CA LYS D 109 -10.09 28.51 -10.05
C LYS D 109 -8.98 29.38 -10.59
N GLU D 110 -7.71 29.02 -10.39
CA GLU D 110 -6.57 29.85 -10.76
C GLU D 110 -5.61 29.04 -11.61
N LEU D 111 -5.31 29.53 -12.80
CA LEU D 111 -4.31 28.94 -13.70
C LEU D 111 -3.34 30.04 -14.10
N PRO D 112 -2.51 30.52 -13.17
CA PRO D 112 -1.66 31.70 -13.44
C PRO D 112 -0.45 31.40 -14.30
N MET D 113 -0.72 31.07 -15.57
CA MET D 113 0.35 30.85 -16.55
C MET D 113 0.77 32.17 -17.18
N ARG D 114 1.21 33.09 -16.32
CA ARG D 114 1.56 34.45 -16.70
C ARG D 114 2.85 34.53 -17.53
N ASN D 115 3.52 33.41 -17.77
CA ASN D 115 4.71 33.40 -18.62
C ASN D 115 4.54 32.53 -19.85
N LEU D 116 3.39 31.88 -20.03
CA LEU D 116 3.12 31.12 -21.24
C LEU D 116 2.92 32.09 -22.40
N GLN D 117 3.90 32.17 -23.30
CA GLN D 117 3.89 33.14 -24.38
C GLN D 117 3.97 32.52 -25.76
N GLU D 118 4.35 31.25 -25.88
CA GLU D 118 4.59 30.66 -27.19
C GLU D 118 4.19 29.19 -27.18
N ILE D 119 3.47 28.78 -28.22
CA ILE D 119 3.18 27.38 -28.50
C ILE D 119 3.55 27.14 -29.96
N LEU D 120 4.65 26.42 -30.18
CA LEU D 120 5.17 26.25 -31.53
C LEU D 120 4.16 25.57 -32.45
N HIS D 121 3.73 24.37 -32.07
CA HIS D 121 2.78 23.60 -32.86
C HIS D 121 1.64 23.14 -31.97
N GLY D 122 0.44 23.11 -32.52
CA GLY D 122 -0.75 22.69 -31.81
C GLY D 122 -1.69 23.85 -31.54
N ALA D 123 -2.86 23.51 -31.01
CA ALA D 123 -3.89 24.48 -30.68
C ALA D 123 -4.20 24.40 -29.19
N VAL D 124 -5.23 25.14 -28.77
CA VAL D 124 -5.64 25.21 -27.38
C VAL D 124 -7.09 24.74 -27.27
N ARG D 125 -7.42 24.14 -26.13
CA ARG D 125 -8.74 23.57 -25.91
C ARG D 125 -9.15 23.82 -24.46
N PHE D 126 -10.29 24.49 -24.27
CA PHE D 126 -10.86 24.74 -22.95
C PHE D 126 -12.32 24.37 -22.97
N SER D 127 -12.75 23.60 -21.96
CA SER D 127 -14.14 23.19 -21.86
C SER D 127 -14.40 22.66 -20.46
N ASN D 128 -15.61 22.93 -19.94
CA ASN D 128 -16.08 22.43 -18.66
C ASN D 128 -15.13 22.82 -17.53
N ASN D 129 -15.15 24.12 -17.22
CA ASN D 129 -14.38 24.68 -16.11
C ASN D 129 -15.22 25.77 -15.45
N PRO D 130 -16.29 25.39 -14.75
CA PRO D 130 -17.22 26.40 -14.20
C PRO D 130 -16.61 27.30 -13.15
N ALA D 131 -15.45 26.96 -12.59
CA ALA D 131 -14.77 27.81 -11.61
C ALA D 131 -13.60 28.57 -12.20
N LEU D 132 -13.16 28.23 -13.41
CA LEU D 132 -12.01 28.85 -14.01
C LEU D 132 -12.38 30.21 -14.61
N CYS D 133 -11.62 31.24 -14.25
CA CYS D 133 -11.86 32.58 -14.76
C CYS D 133 -10.53 33.28 -14.97
N ASN D 134 -10.59 34.49 -15.53
CA ASN D 134 -9.44 35.27 -15.97
C ASN D 134 -8.61 34.57 -17.03
N VAL D 135 -9.13 33.48 -17.62
CA VAL D 135 -8.46 32.85 -18.75
C VAL D 135 -9.16 33.18 -20.07
N GLU D 136 -10.44 33.57 -20.02
CA GLU D 136 -11.13 34.04 -21.21
C GLU D 136 -10.54 35.33 -21.75
N SER D 137 -9.84 36.10 -20.92
CA SER D 137 -9.31 37.39 -21.34
C SER D 137 -8.04 37.28 -22.17
N ILE D 138 -7.35 36.15 -22.13
CA ILE D 138 -6.08 36.02 -22.82
C ILE D 138 -6.30 35.99 -24.33
N GLN D 139 -5.58 36.85 -25.04
CA GLN D 139 -5.59 36.85 -26.50
C GLN D 139 -4.58 35.80 -26.96
N TRP D 140 -5.08 34.65 -27.39
CA TRP D 140 -4.21 33.55 -27.82
C TRP D 140 -3.58 33.78 -29.19
N ARG D 141 -3.83 34.94 -29.82
CA ARG D 141 -3.16 35.25 -31.08
C ARG D 141 -1.68 35.50 -30.86
N ASP D 142 -1.29 35.99 -29.69
CA ASP D 142 0.11 36.20 -29.35
C ASP D 142 0.79 34.92 -28.88
N ILE D 143 0.03 33.88 -28.57
CA ILE D 143 0.58 32.63 -28.05
C ILE D 143 0.67 31.57 -29.13
N VAL D 144 -0.43 31.28 -29.80
CA VAL D 144 -0.48 30.19 -30.76
C VAL D 144 0.09 30.65 -32.10
N SER D 145 0.49 29.68 -32.93
CA SER D 145 0.87 29.96 -34.30
C SER D 145 -0.37 30.20 -35.15
N SER D 146 -0.19 30.95 -36.23
CA SER D 146 -1.31 31.27 -37.12
C SER D 146 -1.85 30.05 -37.84
N ASP D 147 -1.07 28.96 -37.90
CA ASP D 147 -1.51 27.76 -38.61
C ASP D 147 -2.64 27.04 -37.89
N PHE D 148 -2.85 27.30 -36.61
CA PHE D 148 -3.81 26.55 -35.80
C PHE D 148 -4.89 27.40 -35.18
N LEU D 149 -4.90 28.72 -35.43
CA LEU D 149 -5.88 29.59 -34.78
C LEU D 149 -7.31 29.24 -35.15
N SER D 150 -7.52 28.53 -36.24
CA SER D 150 -8.87 28.09 -36.61
C SER D 150 -9.26 26.80 -35.89
N ASN D 151 -8.30 25.91 -35.66
CA ASN D 151 -8.56 24.66 -34.96
C ASN D 151 -8.72 24.83 -33.46
N MET D 152 -8.65 26.06 -32.94
CA MET D 152 -8.87 26.30 -31.54
C MET D 152 -10.30 25.91 -31.14
N SER D 153 -10.49 25.61 -29.85
CA SER D 153 -11.77 25.20 -29.32
C SER D 153 -11.92 25.77 -27.90
N MET D 154 -12.02 27.09 -27.82
CA MET D 154 -12.17 27.75 -26.54
C MET D 154 -13.64 27.78 -26.13
N ASP D 155 -13.88 27.70 -24.83
CA ASP D 155 -15.24 27.68 -24.30
C ASP D 155 -15.24 28.11 -22.84
N PHE D 156 -14.98 29.39 -22.57
CA PHE D 156 -14.94 29.90 -21.21
C PHE D 156 -16.34 30.36 -20.79
N GLN D 157 -17.24 29.40 -20.65
CA GLN D 157 -18.57 29.68 -20.09
C GLN D 157 -18.55 29.17 -18.64
N ASN D 158 -18.21 30.07 -17.73
CA ASN D 158 -18.17 29.75 -16.31
C ASN D 158 -19.05 30.77 -15.58
N HIS D 159 -18.90 30.84 -14.26
CA HIS D 159 -19.70 31.76 -13.46
C HIS D 159 -18.91 32.25 -12.24
N SER D 162 -17.31 33.64 -8.12
CA SER D 162 -16.77 34.91 -7.65
C SER D 162 -15.32 35.07 -8.05
N CYS D 163 -15.06 35.96 -9.00
CA CYS D 163 -13.73 36.15 -9.56
C CYS D 163 -13.36 37.63 -9.52
N GLN D 164 -12.06 37.88 -9.54
CA GLN D 164 -11.54 39.24 -9.54
C GLN D 164 -11.37 39.75 -10.97
N LYS D 165 -11.25 41.07 -11.09
CA LYS D 165 -11.07 41.72 -12.38
C LYS D 165 -9.59 41.98 -12.64
N CYS D 166 -9.21 41.92 -13.92
CA CYS D 166 -7.83 42.17 -14.30
C CYS D 166 -7.41 43.57 -13.86
N ASP D 167 -6.16 43.68 -13.44
CA ASP D 167 -5.63 44.97 -13.03
C ASP D 167 -5.77 45.97 -14.17
N PRO D 168 -6.14 47.21 -13.88
CA PRO D 168 -6.41 48.18 -14.96
C PRO D 168 -5.23 48.41 -15.91
N SER D 169 -4.03 47.95 -15.56
CA SER D 169 -2.86 48.13 -16.41
C SER D 169 -2.59 46.91 -17.30
N CYS D 170 -3.57 46.02 -17.45
CA CYS D 170 -3.28 44.90 -18.34
C CYS D 170 -3.66 45.27 -19.77
N PRO D 171 -2.90 44.82 -20.76
CA PRO D 171 -3.20 45.14 -22.17
C PRO D 171 -4.50 44.48 -22.60
N ASN D 172 -5.45 45.32 -23.06
CA ASN D 172 -6.77 44.86 -23.52
C ASN D 172 -7.50 44.06 -22.45
N GLY D 173 -7.26 44.38 -21.18
CA GLY D 173 -7.89 43.66 -20.10
C GLY D 173 -7.53 42.20 -20.05
N SER D 174 -6.35 41.83 -20.53
CA SER D 174 -5.91 40.44 -20.58
C SER D 174 -4.94 40.17 -19.44
N CYS D 175 -5.34 39.30 -18.52
CA CYS D 175 -4.52 38.92 -17.38
C CYS D 175 -4.75 37.44 -17.09
N TRP D 176 -3.74 36.77 -16.54
CA TRP D 176 -3.87 35.38 -16.17
C TRP D 176 -4.40 35.18 -14.76
N GLY D 177 -4.54 36.25 -13.98
CA GLY D 177 -5.05 36.11 -12.64
C GLY D 177 -5.18 37.48 -11.98
N ALA D 178 -5.31 37.46 -10.67
CA ALA D 178 -5.43 38.71 -9.92
C ALA D 178 -4.05 39.31 -9.67
N GLY D 179 -3.98 40.62 -9.75
CA GLY D 179 -2.74 41.32 -9.47
C GLY D 179 -2.11 41.90 -10.72
N GLU D 180 -1.38 43.01 -10.53
CA GLU D 180 -0.64 43.63 -11.61
C GLU D 180 0.44 42.71 -12.18
N GLU D 181 0.84 41.69 -11.41
CA GLU D 181 1.87 40.76 -11.85
C GLU D 181 1.39 39.85 -12.96
N ASN D 182 0.09 39.57 -13.03
CA ASN D 182 -0.44 38.52 -13.88
C ASN D 182 -1.01 39.02 -15.20
N CYS D 183 -0.72 40.27 -15.58
CA CYS D 183 -1.15 40.75 -16.89
C CYS D 183 -0.47 39.94 -17.99
N GLN D 184 -1.16 39.78 -19.12
CA GLN D 184 -0.60 39.04 -20.23
C GLN D 184 0.54 39.82 -20.88
N LYS D 185 1.64 39.13 -21.14
CA LYS D 185 2.77 39.72 -21.86
C LYS D 185 2.59 39.48 -23.34
N LEU D 186 2.64 40.56 -24.13
CA LEU D 186 2.47 40.50 -25.57
C LEU D 186 3.83 40.61 -26.24
N THR D 187 4.22 39.58 -26.99
CA THR D 187 5.53 39.55 -27.61
C THR D 187 5.48 39.23 -29.10
N LYS D 188 4.31 39.25 -29.74
CA LYS D 188 4.24 38.96 -31.16
C LYS D 188 3.34 39.93 -31.91
N ILE D 189 2.12 40.14 -31.41
CA ILE D 189 1.12 40.91 -32.16
C ILE D 189 1.29 42.40 -31.93
N ILE D 190 2.35 42.79 -31.22
CA ILE D 190 2.67 44.19 -31.01
C ILE D 190 4.07 44.54 -31.53
N CYS D 191 4.64 43.67 -32.36
CA CYS D 191 5.99 43.85 -32.85
C CYS D 191 6.01 44.72 -34.09
N ALA D 192 7.14 45.39 -34.31
CA ALA D 192 7.31 46.25 -35.47
C ALA D 192 7.36 45.41 -36.75
N GLN D 193 7.28 46.11 -37.89
CA GLN D 193 7.27 45.42 -39.17
C GLN D 193 8.59 44.69 -39.43
N GLN D 194 9.70 45.27 -38.99
CA GLN D 194 11.02 44.68 -39.23
C GLN D 194 11.29 43.45 -38.37
N CYS D 195 10.45 43.18 -37.36
CA CYS D 195 10.67 42.04 -36.48
C CYS D 195 10.40 40.75 -37.23
N SER D 196 11.39 39.85 -37.24
CA SER D 196 11.20 38.54 -37.87
C SER D 196 10.36 37.62 -37.01
N GLY D 197 10.53 37.70 -35.70
CA GLY D 197 9.77 36.85 -34.79
C GLY D 197 9.14 37.61 -33.65
N ARG D 198 9.66 37.43 -32.44
CA ARG D 198 9.12 38.08 -31.26
C ARG D 198 9.77 39.45 -31.06
N CYS D 199 9.46 40.10 -29.95
CA CYS D 199 9.98 41.44 -29.68
C CYS D 199 9.80 41.77 -28.21
N ARG D 200 10.62 42.71 -27.73
CA ARG D 200 10.48 43.24 -26.39
C ARG D 200 9.48 44.38 -26.31
N GLY D 201 9.23 45.07 -27.42
CA GLY D 201 8.29 46.16 -27.44
C GLY D 201 7.90 46.51 -28.85
N LYS D 202 7.35 47.71 -29.02
CA LYS D 202 6.88 48.15 -30.34
C LYS D 202 7.99 48.76 -31.18
N SER D 203 9.12 49.14 -30.57
CA SER D 203 10.19 49.77 -31.32
C SER D 203 10.83 48.79 -32.29
N PRO D 204 11.29 49.26 -33.45
CA PRO D 204 12.03 48.39 -34.37
C PRO D 204 13.33 47.86 -33.79
N SER D 205 13.84 48.46 -32.71
CA SER D 205 15.04 48.01 -32.05
C SER D 205 14.79 46.90 -31.04
N ASP D 206 13.52 46.59 -30.74
CA ASP D 206 13.18 45.61 -29.73
C ASP D 206 12.95 44.22 -30.31
N CYS D 207 13.16 44.03 -31.60
CA CYS D 207 12.93 42.72 -32.22
C CYS D 207 13.86 41.67 -31.62
N CYS D 208 13.30 40.49 -31.36
CA CYS D 208 14.10 39.38 -30.88
C CYS D 208 14.86 38.74 -32.05
N HIS D 209 15.84 37.90 -31.70
CA HIS D 209 16.49 37.10 -32.71
C HIS D 209 15.54 36.05 -33.24
N ASN D 210 15.71 35.69 -34.53
CA ASN D 210 14.80 34.74 -35.16
C ASN D 210 14.84 33.37 -34.51
N GLN D 211 15.82 33.10 -33.65
CA GLN D 211 15.89 31.84 -32.92
C GLN D 211 15.24 31.90 -31.54
N CYS D 212 14.81 33.07 -31.10
CA CYS D 212 14.09 33.18 -29.84
C CYS D 212 12.68 32.59 -29.99
N ALA D 213 12.18 31.98 -28.92
CA ALA D 213 10.89 31.32 -28.97
C ALA D 213 9.79 32.14 -28.32
N ALA D 214 9.87 32.37 -27.01
CA ALA D 214 8.84 33.09 -26.30
C ALA D 214 9.11 34.59 -26.23
N GLY D 215 10.37 35.00 -26.30
CA GLY D 215 10.73 36.39 -26.19
C GLY D 215 12.23 36.51 -25.96
N CYS D 216 12.64 37.73 -25.61
CA CYS D 216 14.04 38.00 -25.39
C CYS D 216 14.20 39.14 -24.41
N THR D 217 15.44 39.30 -23.91
CA THR D 217 15.86 40.46 -23.14
C THR D 217 16.84 41.32 -23.91
N GLY D 218 17.03 41.03 -25.21
CA GLY D 218 17.94 41.77 -26.05
C GLY D 218 17.93 41.22 -27.47
N PRO D 219 18.61 41.91 -28.38
CA PRO D 219 18.61 41.50 -29.79
C PRO D 219 19.58 40.37 -30.11
N ARG D 220 20.15 39.71 -29.11
CA ARG D 220 21.21 38.74 -29.33
C ARG D 220 20.69 37.31 -29.34
N GLU D 221 21.49 36.42 -29.92
CA GLU D 221 21.15 35.01 -29.95
C GLU D 221 21.17 34.38 -28.56
N SER D 222 21.80 35.04 -27.59
CA SER D 222 21.87 34.55 -26.22
C SER D 222 20.80 35.13 -25.32
N ASP D 223 20.18 36.24 -25.71
CA ASP D 223 19.19 36.92 -24.88
C ASP D 223 17.80 36.30 -24.99
N CYS D 224 17.65 35.19 -25.69
CA CYS D 224 16.34 34.55 -25.83
C CYS D 224 15.88 33.96 -24.51
N LEU D 225 14.58 34.08 -24.25
CA LEU D 225 14.00 33.38 -23.10
C LEU D 225 14.00 31.87 -23.33
N VAL D 226 13.58 31.44 -24.51
CA VAL D 226 13.60 30.04 -24.91
C VAL D 226 14.14 29.97 -26.34
N CYS D 227 14.91 28.93 -26.63
CA CYS D 227 15.38 28.71 -27.98
C CYS D 227 14.29 28.05 -28.82
N ARG D 228 14.11 28.55 -30.04
CA ARG D 228 13.04 28.06 -30.91
C ARG D 228 13.40 26.71 -31.53
N LYS D 229 14.67 26.44 -31.79
CA LYS D 229 15.07 25.14 -32.33
C LYS D 229 15.97 24.40 -31.37
N PHE D 230 17.23 24.82 -31.25
CA PHE D 230 18.21 24.14 -30.42
C PHE D 230 18.95 25.13 -29.54
N ARG D 231 19.40 24.64 -28.38
CA ARG D 231 20.22 25.40 -27.45
C ARG D 231 21.56 24.71 -27.30
N ASP D 232 22.64 25.42 -27.61
CA ASP D 232 23.98 24.87 -27.50
C ASP D 232 24.41 24.85 -26.03
N GLU D 233 24.83 26.01 -25.51
CA GLU D 233 25.12 26.18 -24.11
C GLU D 233 24.39 27.41 -23.58
N ALA D 234 24.78 28.58 -24.08
CA ALA D 234 24.10 29.83 -23.77
C ALA D 234 23.79 30.61 -25.04
N THR D 235 23.58 29.90 -26.15
CA THR D 235 23.23 30.51 -27.43
C THR D 235 22.17 29.66 -28.11
N CYS D 236 21.20 30.32 -28.73
CA CYS D 236 20.20 29.65 -29.55
C CYS D 236 20.72 29.51 -30.98
N LYS D 237 20.48 28.35 -31.57
CA LYS D 237 21.05 28.02 -32.88
C LYS D 237 20.02 27.29 -33.72
N ASP D 238 20.12 27.49 -35.05
CA ASP D 238 19.22 26.82 -35.98
C ASP D 238 19.52 25.32 -36.03
N THR D 239 20.79 24.95 -35.97
CA THR D 239 21.22 23.56 -35.96
C THR D 239 22.35 23.38 -34.96
N CYS D 240 22.40 22.20 -34.35
CA CYS D 240 23.52 21.86 -33.50
C CYS D 240 24.78 21.69 -34.33
N PRO D 241 25.95 21.86 -33.71
CA PRO D 241 27.21 21.56 -34.42
C PRO D 241 27.20 20.14 -34.94
N PRO D 242 27.22 19.96 -36.26
CA PRO D 242 27.04 18.62 -36.82
C PRO D 242 28.21 17.71 -36.49
N LEU D 243 27.92 16.41 -36.52
CA LEU D 243 28.95 15.40 -36.32
C LEU D 243 29.84 15.20 -37.53
N MET D 244 29.44 15.73 -38.69
CA MET D 244 30.20 15.60 -39.92
C MET D 244 30.23 16.95 -40.62
N LEU D 245 31.41 17.30 -41.15
CA LEU D 245 31.58 18.53 -41.91
C LEU D 245 32.12 18.19 -43.30
N TYR D 246 31.88 19.09 -44.25
CA TYR D 246 32.32 18.88 -45.63
C TYR D 246 33.66 19.54 -45.87
N ASN D 247 34.66 18.72 -46.17
CA ASN D 247 35.96 19.19 -46.64
C ASN D 247 35.89 19.36 -48.15
N PRO D 248 35.93 20.59 -48.66
CA PRO D 248 35.91 20.80 -50.12
C PRO D 248 37.25 20.54 -50.80
N THR D 249 38.34 20.47 -50.04
CA THR D 249 39.64 20.13 -50.62
C THR D 249 39.71 18.65 -50.97
N THR D 250 39.41 17.79 -50.00
CA THR D 250 39.40 16.35 -50.21
C THR D 250 38.06 15.85 -50.73
N TYR D 251 37.07 16.73 -50.89
CA TYR D 251 35.73 16.37 -51.35
C TYR D 251 35.14 15.26 -50.49
N GLN D 252 35.26 15.41 -49.18
CA GLN D 252 34.95 14.30 -48.28
C GLN D 252 34.24 14.81 -47.03
N MET D 253 33.67 13.88 -46.27
CA MET D 253 33.05 14.19 -45.00
C MET D 253 34.00 13.81 -43.88
N ASP D 254 34.41 14.80 -43.08
CA ASP D 254 35.25 14.59 -41.92
C ASP D 254 34.42 14.64 -40.65
N VAL D 255 34.95 14.02 -39.60
CA VAL D 255 34.28 14.03 -38.30
C VAL D 255 34.58 15.36 -37.62
N ASN D 256 33.53 16.11 -37.32
CA ASN D 256 33.68 17.39 -36.63
C ASN D 256 34.07 17.14 -35.18
N PRO D 257 35.28 17.51 -34.75
CA PRO D 257 35.68 17.23 -33.36
C PRO D 257 34.85 17.99 -32.33
N GLU D 258 34.22 19.09 -32.72
CA GLU D 258 33.29 19.82 -31.86
C GLU D 258 31.84 19.41 -32.11
N GLY D 259 31.62 18.27 -32.76
CA GLY D 259 30.28 17.87 -33.11
C GLY D 259 29.43 17.58 -31.88
N LYS D 260 28.11 17.74 -32.04
CA LYS D 260 27.17 17.56 -30.96
C LYS D 260 25.89 16.92 -31.49
N TYR D 261 25.33 16.02 -30.70
CA TYR D 261 24.01 15.47 -30.96
C TYR D 261 22.93 16.43 -30.48
N SER D 262 21.70 16.16 -30.86
CA SER D 262 20.56 17.01 -30.50
C SER D 262 19.63 16.20 -29.58
N PHE D 263 19.87 16.33 -28.28
CA PHE D 263 19.00 15.76 -27.26
C PHE D 263 17.88 16.75 -26.98
N GLY D 264 16.67 16.42 -27.44
CA GLY D 264 15.56 17.34 -27.29
C GLY D 264 15.82 18.62 -28.06
N ALA D 265 15.73 19.75 -27.37
CA ALA D 265 16.07 21.05 -27.93
C ALA D 265 17.45 21.53 -27.46
N THR D 266 18.32 20.60 -27.06
CA THR D 266 19.65 20.93 -26.56
C THR D 266 20.70 20.20 -27.37
N CYS D 267 21.88 20.81 -27.48
CA CYS D 267 23.03 20.19 -28.14
C CYS D 267 23.91 19.57 -27.06
N VAL D 268 24.09 18.26 -27.12
CA VAL D 268 24.82 17.52 -26.09
C VAL D 268 26.00 16.81 -26.74
N LYS D 269 27.03 16.56 -25.93
CA LYS D 269 28.21 15.87 -26.43
C LYS D 269 27.97 14.38 -26.67
N LYS D 270 26.96 13.80 -26.01
CA LYS D 270 26.66 12.39 -26.20
C LYS D 270 25.22 12.13 -25.75
N CYS D 271 24.58 11.19 -26.44
CA CYS D 271 23.22 10.82 -26.13
C CYS D 271 23.16 10.05 -24.81
N PRO D 272 21.98 9.92 -24.21
CA PRO D 272 21.81 8.94 -23.13
C PRO D 272 22.08 7.54 -23.65
N ARG D 273 22.45 6.64 -22.73
CA ARG D 273 22.96 5.34 -23.13
C ARG D 273 21.92 4.53 -23.90
N ASN D 274 20.68 4.52 -23.42
CA ASN D 274 19.62 3.74 -24.06
C ASN D 274 18.90 4.51 -25.16
N TYR D 275 19.54 5.51 -25.76
CA TYR D 275 18.95 6.27 -26.85
C TYR D 275 19.57 5.84 -28.18
N VAL D 276 18.93 6.27 -29.26
CA VAL D 276 19.31 5.88 -30.61
C VAL D 276 19.59 7.15 -31.41
N VAL D 277 20.63 7.09 -32.25
CA VAL D 277 21.06 8.23 -33.05
C VAL D 277 20.42 8.14 -34.43
N THR D 278 19.89 9.25 -34.93
CA THR D 278 19.27 9.30 -36.23
C THR D 278 20.27 9.79 -37.28
N ASP D 279 19.80 9.91 -38.52
CA ASP D 279 20.64 10.40 -39.60
C ASP D 279 21.06 11.85 -39.37
N HIS D 280 20.14 12.67 -38.88
CA HIS D 280 20.40 14.09 -38.62
C HIS D 280 21.08 14.31 -37.27
N GLY D 281 21.59 13.27 -36.63
CA GLY D 281 22.30 13.41 -35.37
C GLY D 281 21.42 13.80 -34.21
N SER D 282 20.30 13.10 -34.05
CA SER D 282 19.36 13.37 -32.97
C SER D 282 19.19 12.12 -32.10
N CYS D 283 19.15 12.33 -30.79
CA CYS D 283 18.94 11.23 -29.85
C CYS D 283 17.43 11.02 -29.70
N VAL D 284 16.93 9.93 -30.27
CA VAL D 284 15.53 9.57 -30.15
C VAL D 284 15.42 8.33 -29.28
N ARG D 285 14.22 8.14 -28.70
CA ARG D 285 13.98 6.97 -27.87
C ARG D 285 13.69 5.72 -28.69
N ALA D 286 13.23 5.89 -29.93
CA ALA D 286 12.96 4.76 -30.81
C ALA D 286 12.99 5.25 -32.25
N CYS D 287 13.37 4.35 -33.17
CA CYS D 287 13.45 4.71 -34.57
C CYS D 287 12.05 4.90 -35.14
N GLY D 288 12.00 5.41 -36.38
CA GLY D 288 10.76 5.67 -37.07
C GLY D 288 10.27 4.49 -37.86
N ALA D 289 9.20 4.73 -38.62
CA ALA D 289 8.62 3.67 -39.45
C ALA D 289 9.45 3.40 -40.70
N ASP D 290 10.24 4.37 -41.14
CA ASP D 290 11.04 4.23 -42.35
C ASP D 290 12.47 3.81 -42.07
N SER D 291 12.79 3.44 -40.83
CA SER D 291 14.14 3.09 -40.45
C SER D 291 14.14 1.91 -39.50
N TYR D 292 15.28 1.25 -39.39
CA TYR D 292 15.49 0.15 -38.47
C TYR D 292 16.71 0.44 -37.60
N GLU D 293 16.81 -0.31 -36.51
CA GLU D 293 17.86 -0.12 -35.53
C GLU D 293 19.08 -0.96 -35.90
N MET D 294 20.25 -0.32 -35.96
CA MET D 294 21.50 -0.95 -36.32
C MET D 294 22.57 -0.53 -35.31
N GLU D 295 23.74 -1.16 -35.39
CA GLU D 295 24.84 -0.81 -34.50
C GLU D 295 26.09 -0.58 -35.34
N GLU D 296 26.74 0.55 -35.12
CA GLU D 296 27.93 0.93 -35.89
C GLU D 296 29.19 0.57 -35.12
N ASP D 297 29.53 1.38 -34.12
CA ASP D 297 30.69 1.13 -33.26
C ASP D 297 30.24 1.12 -31.80
N GLY D 298 29.33 0.20 -31.49
CA GLY D 298 28.72 0.12 -30.17
C GLY D 298 27.55 1.05 -29.96
N VAL D 299 27.24 1.91 -30.92
CA VAL D 299 26.15 2.87 -30.82
C VAL D 299 24.98 2.39 -31.66
N ARG D 300 23.79 2.38 -31.06
CA ARG D 300 22.59 2.02 -31.80
C ARG D 300 22.05 3.23 -32.54
N LYS D 301 21.88 3.10 -33.85
CA LYS D 301 21.52 4.19 -34.73
C LYS D 301 20.37 3.77 -35.63
N CYS D 302 19.61 4.75 -36.11
CA CYS D 302 18.51 4.51 -37.03
C CYS D 302 19.01 4.64 -38.46
N LYS D 303 18.73 3.63 -39.28
CA LYS D 303 19.12 3.65 -40.69
C LYS D 303 17.91 3.35 -41.54
N LYS D 304 17.71 4.13 -42.61
CA LYS D 304 16.65 3.84 -43.55
C LYS D 304 16.94 2.53 -44.28
N CYS D 305 15.89 1.72 -44.47
CA CYS D 305 16.05 0.40 -45.08
C CYS D 305 15.97 0.51 -46.60
N GLU D 306 16.78 -0.30 -47.27
CA GLU D 306 16.70 -0.45 -48.73
C GLU D 306 15.52 -1.37 -49.02
N GLY D 307 14.38 -0.79 -49.36
CA GLY D 307 13.15 -1.52 -49.46
C GLY D 307 12.35 -1.39 -48.17
N PRO D 308 11.38 -2.28 -47.97
CA PRO D 308 10.63 -2.26 -46.71
C PRO D 308 11.44 -2.85 -45.56
N CYS D 309 11.34 -2.22 -44.40
CA CYS D 309 12.02 -2.71 -43.22
C CYS D 309 11.41 -4.03 -42.75
N ARG D 310 12.25 -4.89 -42.18
CA ARG D 310 11.85 -6.24 -41.83
C ARG D 310 10.81 -6.24 -40.71
N LYS D 311 10.11 -7.37 -40.58
CA LYS D 311 9.06 -7.50 -39.58
C LYS D 311 9.62 -7.45 -38.17
N VAL D 312 8.84 -6.87 -37.26
CA VAL D 312 9.26 -6.67 -35.88
C VAL D 312 8.10 -7.04 -34.96
N CYS D 313 8.42 -7.72 -33.87
CA CYS D 313 7.43 -8.05 -32.84
C CYS D 313 7.26 -6.83 -31.94
N ASN D 314 6.06 -6.24 -31.97
CA ASN D 314 5.85 -4.95 -31.34
C ASN D 314 5.84 -5.03 -29.82
N GLY D 315 5.34 -6.13 -29.27
CA GLY D 315 5.17 -6.23 -27.84
C GLY D 315 3.84 -5.66 -27.37
N ILE D 316 3.47 -6.05 -26.15
CA ILE D 316 2.16 -5.69 -25.62
C ILE D 316 2.07 -4.18 -25.44
N GLY D 317 0.99 -3.59 -25.93
CA GLY D 317 0.69 -2.19 -25.72
C GLY D 317 1.10 -1.27 -26.84
N ILE D 318 1.84 -1.76 -27.84
CA ILE D 318 2.31 -0.93 -28.94
C ILE D 318 1.92 -1.59 -30.26
N GLY D 319 1.44 -0.78 -31.19
CA GLY D 319 1.22 -1.26 -32.54
C GLY D 319 0.02 -2.18 -32.59
N GLU D 320 0.26 -3.43 -33.01
CA GLU D 320 -0.80 -4.43 -33.17
C GLU D 320 -1.32 -4.96 -31.84
N PHE D 321 -0.52 -4.91 -30.78
CA PHE D 321 -0.93 -5.35 -29.45
C PHE D 321 -1.31 -4.18 -28.54
N LYS D 322 -1.63 -3.03 -29.12
CA LYS D 322 -2.20 -1.96 -28.33
C LYS D 322 -3.51 -2.44 -27.70
N ASP D 323 -3.92 -1.75 -26.63
CA ASP D 323 -4.98 -2.14 -25.70
C ASP D 323 -5.26 -3.65 -25.71
N SER D 324 -4.21 -4.42 -25.44
CA SER D 324 -4.29 -5.80 -24.99
C SER D 324 -3.62 -5.86 -23.63
N LEU D 325 -4.32 -6.41 -22.63
CA LEU D 325 -3.87 -6.31 -21.25
C LEU D 325 -2.52 -6.99 -21.08
N SER D 326 -2.46 -8.29 -21.38
CA SER D 326 -1.23 -9.04 -21.19
C SER D 326 -0.88 -9.89 -22.40
N ILE D 327 0.09 -10.78 -22.23
CA ILE D 327 0.38 -11.82 -23.22
C ILE D 327 -0.83 -12.75 -23.33
N ASN D 328 -1.28 -13.01 -24.56
CA ASN D 328 -2.57 -13.68 -24.77
C ASN D 328 -2.41 -14.96 -25.57
N ALA D 329 -3.09 -16.02 -25.11
CA ALA D 329 -3.10 -17.33 -25.76
C ALA D 329 -3.44 -17.25 -27.25
N THR D 330 -3.91 -16.09 -27.70
CA THR D 330 -4.20 -15.85 -29.10
C THR D 330 -3.06 -15.17 -29.85
N ASN D 331 -2.21 -14.41 -29.16
CA ASN D 331 -1.07 -13.76 -29.79
C ASN D 331 0.27 -14.38 -29.40
N ILE D 332 0.26 -15.54 -28.75
CA ILE D 332 1.51 -16.27 -28.54
C ILE D 332 2.10 -16.67 -29.88
N LYS D 333 1.25 -16.92 -30.88
CA LYS D 333 1.72 -17.31 -32.20
C LYS D 333 2.56 -16.21 -32.83
N HIS D 334 2.15 -14.96 -32.64
CA HIS D 334 2.95 -13.84 -33.15
C HIS D 334 4.33 -13.82 -32.51
N PHE D 335 4.40 -14.04 -31.20
CA PHE D 335 5.67 -14.11 -30.47
C PHE D 335 6.23 -15.53 -30.56
N LYS D 336 6.68 -15.88 -31.78
CA LYS D 336 7.21 -17.22 -32.02
C LYS D 336 8.71 -17.10 -32.22
N ASN D 337 9.20 -17.00 -33.46
CA ASN D 337 10.63 -16.93 -33.72
C ASN D 337 11.06 -15.46 -33.73
N CYS D 338 11.11 -14.89 -32.53
CA CYS D 338 11.50 -13.50 -32.33
C CYS D 338 12.64 -13.41 -31.34
N THR D 339 13.56 -12.48 -31.59
CA THR D 339 14.74 -12.30 -30.74
C THR D 339 14.72 -10.99 -29.95
N SER D 340 14.02 -9.97 -30.43
CA SER D 340 13.97 -8.68 -29.76
C SER D 340 12.55 -8.13 -29.84
N ILE D 341 12.03 -7.69 -28.69
CA ILE D 341 10.67 -7.17 -28.60
C ILE D 341 10.74 -5.65 -28.62
N SER D 342 9.90 -5.03 -29.46
CA SER D 342 9.92 -3.59 -29.64
C SER D 342 9.10 -2.86 -28.57
N GLY D 343 9.35 -3.17 -27.31
CA GLY D 343 8.67 -2.48 -26.24
C GLY D 343 8.46 -3.29 -24.98
N ASP D 344 7.23 -3.28 -24.47
CA ASP D 344 6.92 -3.83 -23.16
C ASP D 344 6.57 -5.31 -23.26
N LEU D 345 6.34 -5.94 -22.10
CA LEU D 345 5.98 -7.35 -22.05
C LEU D 345 5.24 -7.58 -20.73
N HIS D 346 3.92 -7.77 -20.82
CA HIS D 346 3.07 -7.96 -19.65
C HIS D 346 2.64 -9.43 -19.55
N ILE D 347 2.64 -9.95 -18.33
CA ILE D 347 2.17 -11.31 -18.04
C ILE D 347 1.31 -11.20 -16.78
N LEU D 348 -0.01 -11.15 -16.97
CA LEU D 348 -0.99 -10.97 -15.90
C LEU D 348 -1.79 -12.25 -15.70
N PRO D 349 -2.45 -12.38 -14.54
CA PRO D 349 -3.31 -13.56 -14.33
C PRO D 349 -4.49 -13.64 -15.28
N VAL D 350 -4.87 -12.53 -15.91
CA VAL D 350 -5.93 -12.56 -16.92
C VAL D 350 -5.61 -13.56 -18.03
N ALA D 351 -4.32 -13.73 -18.33
CA ALA D 351 -3.92 -14.67 -19.38
C ALA D 351 -4.20 -16.11 -18.97
N PHE D 352 -3.80 -16.49 -17.75
CA PHE D 352 -3.98 -17.86 -17.30
C PHE D 352 -5.41 -18.15 -16.88
N ARG D 353 -6.22 -17.14 -16.64
CA ARG D 353 -7.63 -17.33 -16.33
C ARG D 353 -8.55 -17.14 -17.52
N GLY D 354 -8.06 -16.55 -18.60
CA GLY D 354 -8.89 -16.23 -19.75
C GLY D 354 -9.76 -15.01 -19.48
N ASP D 355 -10.44 -14.57 -20.54
CA ASP D 355 -11.29 -13.39 -20.44
C ASP D 355 -12.36 -13.47 -21.51
N SER D 356 -13.63 -13.39 -21.10
CA SER D 356 -14.74 -13.49 -22.05
C SER D 356 -15.00 -12.18 -22.77
N PHE D 357 -14.78 -11.04 -22.11
CA PHE D 357 -15.04 -9.75 -22.74
C PHE D 357 -14.20 -9.54 -23.99
N THR D 358 -13.00 -10.13 -24.03
CA THR D 358 -12.12 -10.03 -25.18
C THR D 358 -12.09 -11.30 -26.01
N HIS D 359 -13.01 -12.24 -25.74
CA HIS D 359 -13.08 -13.51 -26.48
C HIS D 359 -11.76 -14.27 -26.40
N THR D 360 -11.11 -14.23 -25.23
CA THR D 360 -9.78 -14.80 -25.06
C THR D 360 -9.85 -16.04 -24.19
N PRO D 361 -9.55 -17.23 -24.72
CA PRO D 361 -9.46 -18.43 -23.89
C PRO D 361 -8.20 -18.41 -23.05
N PRO D 362 -8.11 -19.24 -22.02
CA PRO D 362 -6.89 -19.24 -21.18
C PRO D 362 -5.68 -19.72 -21.95
N LEU D 363 -4.52 -19.46 -21.37
CA LEU D 363 -3.24 -19.79 -21.98
C LEU D 363 -2.69 -21.09 -21.43
N ASP D 364 -1.91 -21.78 -22.26
CA ASP D 364 -1.22 -23.00 -21.84
C ASP D 364 0.19 -22.64 -21.45
N PRO D 365 0.61 -22.88 -20.20
CA PRO D 365 1.98 -22.57 -19.79
C PRO D 365 3.04 -23.23 -20.67
N GLN D 366 2.72 -24.35 -21.33
CA GLN D 366 3.69 -25.00 -22.20
C GLN D 366 3.90 -24.24 -23.49
N GLU D 367 2.91 -23.45 -23.93
CA GLU D 367 3.14 -22.48 -24.99
C GLU D 367 3.77 -21.19 -24.47
N LEU D 368 4.29 -21.22 -23.25
CA LEU D 368 5.05 -20.11 -22.68
C LEU D 368 6.55 -20.28 -22.87
N ASP D 369 7.00 -21.44 -23.37
CA ASP D 369 8.41 -21.71 -23.59
C ASP D 369 8.93 -21.08 -24.88
N ILE D 370 8.10 -20.34 -25.62
CA ILE D 370 8.54 -19.75 -26.87
C ILE D 370 9.50 -18.59 -26.60
N LEU D 371 9.24 -17.84 -25.53
CA LEU D 371 10.04 -16.67 -25.17
C LEU D 371 11.52 -16.99 -25.01
N LYS D 372 11.90 -18.27 -25.03
CA LYS D 372 13.31 -18.62 -24.98
C LYS D 372 14.09 -18.02 -26.15
N THR D 373 13.43 -17.81 -27.29
CA THR D 373 14.15 -17.20 -28.42
C THR D 373 14.49 -15.75 -28.15
N VAL D 374 13.74 -15.09 -27.27
CA VAL D 374 13.92 -13.66 -27.05
C VAL D 374 15.23 -13.39 -26.32
N LYS D 375 15.99 -12.40 -26.79
CA LYS D 375 17.22 -11.99 -26.14
C LYS D 375 17.28 -10.51 -25.81
N GLU D 376 16.32 -9.71 -26.27
CA GLU D 376 16.37 -8.26 -26.08
C GLU D 376 14.96 -7.73 -25.86
N ILE D 377 14.82 -6.81 -24.91
CA ILE D 377 13.55 -6.15 -24.61
C ILE D 377 13.85 -4.67 -24.44
N THR D 378 13.34 -3.84 -25.36
CA THR D 378 13.63 -2.41 -25.33
C THR D 378 12.81 -1.68 -24.25
N GLY D 379 11.61 -2.15 -23.96
CA GLY D 379 10.80 -1.53 -22.93
C GLY D 379 11.05 -2.12 -21.56
N PHE D 380 9.98 -2.53 -20.87
CA PHE D 380 10.10 -3.17 -19.58
C PHE D 380 9.53 -4.58 -19.63
N LEU D 381 9.83 -5.34 -18.58
CA LEU D 381 9.36 -6.72 -18.44
C LEU D 381 8.54 -6.80 -17.15
N LEU D 382 7.22 -6.86 -17.29
CA LEU D 382 6.31 -6.99 -16.17
C LEU D 382 5.77 -8.42 -16.13
N ILE D 383 5.90 -9.07 -14.97
CA ILE D 383 5.44 -10.43 -14.78
C ILE D 383 4.71 -10.49 -13.45
N GLN D 384 3.39 -10.73 -13.51
CA GLN D 384 2.56 -10.82 -12.32
C GLN D 384 1.81 -12.15 -12.23
N ALA D 385 2.04 -13.07 -13.17
CA ALA D 385 1.47 -14.41 -13.11
C ALA D 385 2.48 -15.37 -13.72
N TRP D 386 2.60 -16.55 -13.13
CA TRP D 386 3.56 -17.54 -13.62
C TRP D 386 3.11 -18.92 -13.13
N PRO D 387 3.38 -19.97 -13.89
CA PRO D 387 3.06 -21.33 -13.43
C PRO D 387 3.71 -21.63 -12.09
N GLU D 388 2.88 -21.90 -11.09
CA GLU D 388 3.40 -22.28 -9.78
C GLU D 388 4.16 -23.61 -9.85
N ASN D 389 3.80 -24.47 -10.81
CA ASN D 389 4.48 -25.75 -10.96
C ASN D 389 5.93 -25.58 -11.39
N ARG D 390 6.18 -24.66 -12.32
CA ARG D 390 7.54 -24.39 -12.77
C ARG D 390 8.26 -23.54 -11.73
N THR D 391 9.41 -24.02 -11.27
CA THR D 391 10.18 -23.36 -10.22
C THR D 391 11.26 -22.46 -10.77
N ASP D 392 11.02 -21.78 -11.90
CA ASP D 392 12.06 -21.01 -12.56
C ASP D 392 11.42 -20.11 -13.62
N LEU D 393 12.12 -19.03 -13.95
CA LEU D 393 11.77 -18.19 -15.09
C LEU D 393 12.43 -18.76 -16.35
N HIS D 394 11.95 -19.96 -16.70
CA HIS D 394 12.58 -20.72 -17.78
C HIS D 394 12.46 -19.99 -19.12
N ALA D 395 11.32 -19.34 -19.37
CA ALA D 395 11.09 -18.72 -20.66
C ALA D 395 12.11 -17.62 -20.96
N PHE D 396 12.63 -16.96 -19.94
CA PHE D 396 13.60 -15.90 -20.10
C PHE D 396 15.01 -16.33 -19.72
N GLU D 397 15.35 -17.59 -19.97
CA GLU D 397 16.71 -18.06 -19.72
C GLU D 397 17.71 -17.53 -20.74
N ASN D 398 17.25 -16.89 -21.80
CA ASN D 398 18.12 -16.33 -22.82
C ASN D 398 17.93 -14.83 -23.02
N LEU D 399 17.22 -14.17 -22.11
CA LEU D 399 17.09 -12.71 -22.17
C LEU D 399 18.42 -12.08 -21.79
N GLU D 400 18.94 -11.22 -22.67
CA GLU D 400 20.28 -10.66 -22.49
C GLU D 400 20.28 -9.22 -21.98
N ILE D 401 19.30 -8.40 -22.37
CA ILE D 401 19.31 -6.99 -21.99
C ILE D 401 17.88 -6.46 -21.97
N ILE D 402 17.54 -5.73 -20.91
CA ILE D 402 16.31 -4.97 -20.83
C ILE D 402 16.69 -3.50 -20.91
N ARG D 403 16.40 -2.88 -22.06
CA ARG D 403 16.89 -1.52 -22.31
C ARG D 403 16.15 -0.47 -21.50
N GLY D 404 14.91 -0.76 -21.07
CA GLY D 404 14.18 0.19 -20.26
C GLY D 404 13.84 1.50 -20.95
N ARG D 405 13.73 1.50 -22.27
CA ARG D 405 13.30 2.70 -22.98
C ARG D 405 11.88 3.09 -22.57
N THR D 406 11.08 2.11 -22.17
CA THR D 406 9.76 2.34 -21.59
C THR D 406 9.68 1.63 -20.26
N LYS D 407 9.09 2.28 -19.27
CA LYS D 407 9.06 1.76 -17.91
C LYS D 407 7.63 1.69 -17.40
N GLN D 408 7.41 0.78 -16.44
CA GLN D 408 6.10 0.63 -15.81
C GLN D 408 5.84 1.81 -14.88
N HIS D 409 4.76 2.54 -15.14
CA HIS D 409 4.42 3.75 -14.39
C HIS D 409 5.57 4.77 -14.40
N GLY D 410 6.39 4.71 -15.44
CA GLY D 410 7.57 5.56 -15.51
C GLY D 410 8.58 5.30 -14.42
N GLN D 411 8.71 4.05 -13.98
CA GLN D 411 9.60 3.73 -12.87
C GLN D 411 10.43 2.48 -13.13
N PHE D 412 9.76 1.32 -13.27
CA PHE D 412 10.44 0.03 -13.25
C PHE D 412 10.62 -0.51 -14.66
N SER D 413 11.82 -1.07 -14.91
CA SER D 413 12.10 -1.78 -16.14
C SER D 413 12.00 -3.30 -16.00
N LEU D 414 12.10 -3.82 -14.78
CA LEU D 414 11.89 -5.23 -14.49
C LEU D 414 11.02 -5.33 -13.25
N ALA D 415 9.90 -6.04 -13.37
CA ALA D 415 8.96 -6.21 -12.26
C ALA D 415 8.52 -7.66 -12.21
N VAL D 416 8.79 -8.33 -11.09
CA VAL D 416 8.41 -9.72 -10.87
C VAL D 416 7.63 -9.75 -9.57
N VAL D 417 6.31 -9.92 -9.64
CA VAL D 417 5.44 -9.68 -8.50
C VAL D 417 4.53 -10.87 -8.26
N SER D 418 4.50 -11.34 -7.00
CA SER D 418 3.51 -12.30 -6.51
C SER D 418 3.47 -13.56 -7.35
N LEU D 419 4.65 -14.09 -7.68
CA LEU D 419 4.76 -15.40 -8.30
C LEU D 419 5.16 -16.43 -7.25
N ASN D 420 5.02 -17.70 -7.63
CA ASN D 420 5.47 -18.83 -6.81
C ASN D 420 6.67 -19.44 -7.51
N ILE D 421 7.82 -18.79 -7.37
CA ILE D 421 9.05 -19.17 -8.05
C ILE D 421 10.17 -19.25 -7.02
N THR D 422 10.96 -20.33 -7.09
CA THR D 422 12.08 -20.52 -6.18
C THR D 422 13.37 -19.91 -6.69
N SER D 423 13.44 -19.52 -7.96
CA SER D 423 14.70 -19.09 -8.54
C SER D 423 14.46 -18.27 -9.79
N LEU D 424 15.06 -17.08 -9.85
CA LEU D 424 15.02 -16.22 -11.04
C LEU D 424 15.93 -16.81 -12.09
N GLY D 425 15.37 -17.49 -13.09
CA GLY D 425 16.17 -18.09 -14.14
C GLY D 425 16.73 -17.10 -15.14
N LEU D 426 17.29 -16.00 -14.64
CA LEU D 426 17.81 -14.93 -15.49
C LEU D 426 19.31 -15.08 -15.72
N ARG D 427 19.72 -16.27 -16.17
CA ARG D 427 21.15 -16.53 -16.37
C ARG D 427 21.75 -15.58 -17.39
N SER D 428 21.11 -15.44 -18.56
CA SER D 428 21.67 -14.68 -19.66
C SER D 428 21.56 -13.18 -19.49
N LEU D 429 20.86 -12.70 -18.46
CA LEU D 429 20.70 -11.27 -18.26
C LEU D 429 22.04 -10.64 -17.89
N LYS D 430 22.49 -9.68 -18.70
CA LYS D 430 23.77 -9.02 -18.48
C LYS D 430 23.67 -7.50 -18.43
N GLU D 431 22.50 -6.92 -18.68
CA GLU D 431 22.38 -5.47 -18.70
C GLU D 431 20.92 -5.07 -18.50
N ILE D 432 20.71 -4.02 -17.70
CA ILE D 432 19.44 -3.33 -17.61
C ILE D 432 19.77 -1.86 -17.81
N SER D 433 19.54 -1.36 -19.04
CA SER D 433 20.07 -0.05 -19.42
C SER D 433 19.50 1.08 -18.59
N ASP D 434 18.22 0.98 -18.20
CA ASP D 434 17.60 2.01 -17.38
C ASP D 434 16.43 1.39 -16.64
N GLY D 435 15.65 2.22 -15.94
CA GLY D 435 14.51 1.75 -15.19
C GLY D 435 14.88 1.06 -13.90
N ASP D 436 13.98 1.07 -12.92
CA ASP D 436 14.22 0.42 -11.65
C ASP D 436 13.81 -1.06 -11.72
N VAL D 437 14.10 -1.78 -10.64
CA VAL D 437 13.82 -3.20 -10.53
C VAL D 437 13.13 -3.47 -9.20
N ILE D 438 12.06 -4.25 -9.23
CA ILE D 438 11.31 -4.60 -8.04
C ILE D 438 10.96 -6.08 -8.09
N ILE D 439 11.15 -6.78 -6.97
CA ILE D 439 10.78 -8.18 -6.87
C ILE D 439 10.14 -8.41 -5.50
N SER D 440 8.82 -8.57 -5.48
CA SER D 440 8.09 -8.70 -4.23
C SER D 440 7.02 -9.79 -4.35
N GLY D 441 6.52 -10.22 -3.20
CA GLY D 441 5.43 -11.17 -3.13
C GLY D 441 5.76 -12.60 -3.53
N ASN D 442 7.03 -12.91 -3.80
CA ASN D 442 7.44 -14.24 -4.24
C ASN D 442 7.91 -15.00 -3.01
N LYS D 443 6.97 -15.71 -2.37
CA LYS D 443 7.21 -16.39 -1.09
C LYS D 443 8.16 -17.58 -1.19
N ASN D 444 8.83 -17.84 -2.31
CA ASN D 444 9.79 -18.93 -2.40
C ASN D 444 11.11 -18.53 -3.06
N LEU D 445 11.23 -17.28 -3.51
CA LEU D 445 12.41 -16.83 -4.24
C LEU D 445 13.47 -16.37 -3.24
N CYS D 446 14.65 -17.02 -3.28
CA CYS D 446 15.65 -16.83 -2.25
C CYS D 446 16.97 -16.25 -2.74
N TYR D 447 17.22 -16.20 -4.04
CA TYR D 447 18.51 -15.80 -4.56
C TYR D 447 18.55 -14.34 -5.05
N ALA D 448 17.45 -13.60 -4.91
CA ALA D 448 17.41 -12.26 -5.46
C ALA D 448 18.24 -11.27 -4.63
N ASN D 449 18.32 -11.49 -3.32
CA ASN D 449 19.06 -10.58 -2.45
C ASN D 449 20.57 -10.69 -2.61
N THR D 450 21.06 -11.57 -3.49
CA THR D 450 22.49 -11.72 -3.71
C THR D 450 23.00 -10.98 -4.94
N ILE D 451 22.11 -10.65 -5.88
CA ILE D 451 22.54 -10.09 -7.15
C ILE D 451 23.24 -8.75 -6.93
N ASN D 452 24.43 -8.60 -7.52
CA ASN D 452 25.13 -7.33 -7.57
C ASN D 452 24.62 -6.59 -8.79
N TRP D 453 23.66 -5.69 -8.59
CA TRP D 453 22.97 -5.05 -9.71
C TRP D 453 23.83 -4.01 -10.41
N LYS D 454 24.94 -3.57 -9.79
CA LYS D 454 25.87 -2.69 -10.47
C LYS D 454 26.46 -3.35 -11.72
N LYS D 455 26.49 -4.68 -11.75
CA LYS D 455 26.96 -5.40 -12.93
C LYS D 455 26.04 -5.18 -14.14
N LEU D 456 24.75 -4.92 -13.89
CA LEU D 456 23.77 -4.85 -14.96
C LEU D 456 23.19 -3.47 -15.19
N PHE D 457 23.27 -2.57 -14.21
CA PHE D 457 22.66 -1.25 -14.35
C PHE D 457 23.49 -0.34 -15.24
N GLY D 458 22.81 0.41 -16.11
CA GLY D 458 23.48 1.22 -17.10
C GLY D 458 23.49 2.71 -16.82
N THR D 459 22.40 3.22 -16.23
CA THR D 459 22.28 4.63 -15.89
C THR D 459 22.37 4.79 -14.38
N SER D 460 23.19 5.74 -13.94
CA SER D 460 23.37 5.98 -12.51
C SER D 460 22.09 6.54 -11.91
N GLY D 461 21.49 5.79 -11.01
CA GLY D 461 20.25 6.23 -10.37
C GLY D 461 19.23 5.11 -10.25
N GLN D 462 19.55 3.95 -10.82
CA GLN D 462 18.64 2.81 -10.75
C GLN D 462 18.64 2.21 -9.35
N LYS D 463 17.47 1.75 -8.91
CA LYS D 463 17.28 1.23 -7.58
C LYS D 463 16.53 -0.10 -7.64
N THR D 464 16.74 -0.92 -6.60
CA THR D 464 16.08 -2.20 -6.47
C THR D 464 15.17 -2.21 -5.24
N LYS D 465 14.08 -2.96 -5.33
CA LYS D 465 13.14 -3.12 -4.22
C LYS D 465 12.77 -4.61 -4.16
N ILE D 466 13.63 -5.38 -3.52
CA ILE D 466 13.40 -6.82 -3.36
C ILE D 466 12.99 -7.10 -1.91
N ILE D 467 11.68 -7.17 -1.67
CA ILE D 467 11.14 -7.38 -0.33
C ILE D 467 10.05 -8.42 -0.39
N SER D 468 9.55 -8.80 0.79
CA SER D 468 8.40 -9.69 0.95
C SER D 468 8.58 -11.04 0.25
N ASN D 469 9.80 -11.38 -0.12
CA ASN D 469 10.11 -12.71 -0.65
C ASN D 469 10.48 -13.62 0.51
N ARG D 470 10.97 -14.83 0.21
CA ARG D 470 11.36 -15.74 1.27
C ARG D 470 12.57 -15.18 2.00
N GLY D 471 12.56 -15.32 3.32
CA GLY D 471 13.62 -14.74 4.14
C GLY D 471 14.95 -15.42 3.90
N GLU D 472 16.01 -14.63 3.76
CA GLU D 472 17.34 -15.18 3.57
C GLU D 472 17.71 -16.12 4.70
N ASN D 473 17.50 -15.68 5.95
CA ASN D 473 17.76 -16.54 7.09
C ASN D 473 16.82 -17.74 7.08
N SER D 474 15.67 -17.63 6.44
CA SER D 474 14.70 -18.72 6.46
C SER D 474 15.12 -19.87 5.56
N CYS D 475 15.61 -19.56 4.35
CA CYS D 475 16.08 -20.61 3.45
C CYS D 475 17.59 -20.84 3.54
N LYS D 476 18.28 -20.18 4.47
CA LYS D 476 19.65 -20.58 4.77
C LYS D 476 19.70 -22.06 5.14
N ALA D 477 18.85 -22.48 6.08
CA ALA D 477 18.65 -23.90 6.33
C ALA D 477 17.86 -24.50 5.17
N THR D 478 18.25 -25.72 4.78
CA THR D 478 17.82 -26.38 3.53
C THR D 478 17.60 -25.35 2.43
N GLY D 479 16.51 -25.46 1.67
CA GLY D 479 16.14 -24.43 0.72
C GLY D 479 17.00 -24.30 -0.52
N GLN D 480 18.33 -24.36 -0.34
CA GLN D 480 19.38 -24.21 -1.35
C GLN D 480 19.84 -22.76 -1.43
N VAL D 481 21.14 -22.56 -1.63
CA VAL D 481 21.78 -21.25 -1.59
C VAL D 481 22.87 -21.18 -2.66
N CYS D 482 23.58 -20.05 -2.66
CA CYS D 482 24.62 -19.77 -3.66
C CYS D 482 25.65 -20.89 -3.71
N HIS D 483 25.93 -21.34 -4.93
CA HIS D 483 26.91 -22.41 -5.13
C HIS D 483 28.30 -21.93 -4.70
N ALA D 484 29.08 -22.88 -4.16
CA ALA D 484 30.42 -22.56 -3.69
C ALA D 484 31.35 -22.14 -4.83
N LEU D 485 30.95 -22.31 -6.08
CA LEU D 485 31.73 -21.88 -7.22
C LEU D 485 31.44 -20.44 -7.64
N CYS D 486 30.33 -19.87 -7.18
CA CYS D 486 29.98 -18.51 -7.57
C CYS D 486 30.86 -17.50 -6.84
N SER D 487 31.01 -16.33 -7.44
CA SER D 487 31.74 -15.22 -6.84
C SER D 487 30.83 -14.49 -5.86
N PRO D 488 31.37 -13.54 -5.07
CA PRO D 488 30.51 -12.78 -4.16
C PRO D 488 29.59 -11.79 -4.87
N GLU D 489 29.39 -11.95 -6.17
CA GLU D 489 28.54 -11.05 -6.94
C GLU D 489 27.10 -11.51 -7.00
N GLY D 490 26.77 -12.68 -6.47
CA GLY D 490 25.40 -13.15 -6.40
C GLY D 490 25.15 -14.35 -7.30
N CYS D 491 23.92 -14.84 -7.21
CA CYS D 491 23.52 -16.04 -7.93
C CYS D 491 22.10 -15.87 -8.46
N TRP D 492 21.88 -16.34 -9.68
CA TRP D 492 20.53 -16.41 -10.21
C TRP D 492 19.77 -17.64 -9.73
N GLY D 493 20.43 -18.53 -9.00
CA GLY D 493 19.79 -19.72 -8.49
C GLY D 493 20.73 -20.68 -7.78
N PRO D 494 20.36 -21.95 -7.72
CA PRO D 494 21.16 -22.92 -6.97
C PRO D 494 22.29 -23.54 -7.79
N GLU D 495 22.04 -23.76 -9.08
CA GLU D 495 23.00 -24.43 -9.94
C GLU D 495 24.21 -23.53 -10.20
N PRO D 496 25.33 -24.11 -10.64
CA PRO D 496 26.50 -23.27 -10.95
C PRO D 496 26.32 -22.42 -12.20
N ARG D 497 25.57 -22.90 -13.20
CA ARG D 497 25.26 -22.06 -14.34
C ARG D 497 24.44 -20.84 -13.94
N ASP D 498 23.87 -20.85 -12.74
CA ASP D 498 23.13 -19.72 -12.20
C ASP D 498 24.01 -18.70 -11.50
N CYS D 499 25.32 -18.91 -11.47
CA CYS D 499 26.22 -17.89 -10.93
C CYS D 499 26.25 -16.68 -11.84
N VAL D 500 26.39 -15.50 -11.24
CA VAL D 500 26.59 -14.28 -12.02
C VAL D 500 28.05 -14.12 -12.42
N SER D 501 28.97 -14.72 -11.67
CA SER D 501 30.39 -14.69 -12.01
C SER D 501 31.09 -15.82 -11.27
N HIS D 502 32.12 -16.37 -11.89
CA HIS D 502 32.91 -17.42 -11.29
C HIS D 502 34.03 -16.82 -10.44
N HIS D 503 34.86 -17.69 -9.88
CA HIS D 503 36.00 -17.23 -9.08
C HIS D 503 37.10 -16.69 -9.99
N HIS D 504 38.08 -16.05 -9.35
CA HIS D 504 39.19 -15.45 -10.09
C HIS D 504 40.17 -16.53 -10.54
N HIS D 505 40.52 -16.50 -11.82
CA HIS D 505 41.35 -17.54 -12.40
C HIS D 505 42.84 -17.22 -12.24
N HIS D 506 43.34 -16.30 -13.06
CA HIS D 506 44.76 -15.92 -13.07
C HIS D 506 45.69 -17.12 -13.12
C1 NAG E . 9.54 -13.12 13.13
C2 NAG E . 9.90 -11.87 12.32
C3 NAG E . 11.14 -12.13 11.49
C4 NAG E . 12.30 -12.63 12.36
C5 NAG E . 11.83 -13.82 13.21
C6 NAG E . 12.86 -14.23 14.26
C7 NAG E . 7.87 -10.55 11.82
C8 NAG E . 6.84 -10.21 10.79
N2 NAG E . 8.81 -11.45 11.46
O3 NAG E . 11.52 -10.92 10.83
O4 NAG E . 13.41 -13.00 11.55
O5 NAG E . 10.65 -13.50 13.94
O6 NAG E . 12.23 -15.01 15.27
O7 NAG E . 7.87 -10.03 12.94
C1 NAG E . 14.48 -12.04 11.53
C2 NAG E . 15.82 -12.67 11.14
C3 NAG E . 16.90 -11.60 11.05
C4 NAG E . 16.48 -10.56 10.02
C5 NAG E . 15.10 -10.00 10.37
C6 NAG E . 14.54 -9.12 9.29
C7 NAG E . 16.50 -13.69 13.30
C8 NAG E . 16.94 -14.96 13.99
N2 NAG E . 16.24 -13.78 11.98
O3 NAG E . 18.16 -12.15 10.69
O4 NAG E . 17.45 -9.53 9.99
O5 NAG E . 14.13 -11.04 10.58
O6 NAG E . 15.38 -9.18 8.15
O7 NAG E . 16.43 -12.62 13.89
C1 NAG F . -24.81 3.86 15.06
C2 NAG F . -24.38 2.57 14.37
C3 NAG F . -25.42 1.48 14.58
C4 NAG F . -25.74 1.32 16.06
C5 NAG F . -26.08 2.66 16.69
C6 NAG F . -26.30 2.59 18.18
C7 NAG F . -23.14 2.27 12.30
C8 NAG F . -23.03 2.62 10.85
N2 NAG F . -24.16 2.80 12.96
O3 NAG F . -24.91 0.27 14.05
O4 NAG F . -26.87 0.46 16.20
O5 NAG F . -25.02 3.61 16.47
O6 NAG F . -25.10 2.27 18.88
O7 NAG F . -22.34 1.52 12.84
C1 NAG F . -26.50 -0.92 16.46
C2 NAG F . -27.58 -1.50 17.36
C3 NAG F . -27.26 -2.95 17.68
C4 NAG F . -27.05 -3.75 16.41
C5 NAG F . -26.05 -3.06 15.47
C6 NAG F . -25.99 -3.70 14.09
C7 NAG F . -28.74 0.13 18.77
C8 NAG F . -29.75 0.25 17.66
N2 NAG F . -27.73 -0.71 18.57
O3 NAG F . -28.34 -3.50 18.44
O4 NAG F . -26.50 -5.04 16.72
O5 NAG F . -26.42 -1.68 15.25
O6 NAG F . -26.36 -5.08 14.13
O7 NAG F . -28.85 0.78 19.81
C1 BMA F . -27.44 -6.11 17.00
C2 BMA F . -28.72 -5.97 16.15
C3 BMA F . -29.63 -7.14 16.50
C4 BMA F . -28.91 -8.46 16.19
C5 BMA F . -27.60 -8.55 17.00
C6 BMA F . -26.76 -9.74 16.61
O2 BMA F . -28.43 -6.11 14.77
O3 BMA F . -30.86 -7.09 15.79
O4 BMA F . -29.75 -9.56 16.53
O5 BMA F . -26.81 -7.36 16.74
O6 BMA F . -26.19 -9.48 15.32
C1 NAG G . -11.63 22.69 4.84
C2 NAG G . -12.91 23.52 4.69
C3 NAG G . -12.61 24.86 4.01
C4 NAG G . -11.46 25.58 4.70
C5 NAG G . -10.25 24.66 4.78
C6 NAG G . -9.08 25.25 5.52
C7 NAG G . -15.22 23.07 3.97
C8 NAG G . -16.10 22.20 3.13
N2 NAG G . -13.91 22.77 3.95
O3 NAG G . -13.77 25.68 4.03
O4 NAG G . -11.11 26.73 3.95
O5 NAG G . -10.63 23.47 5.49
O6 NAG G . -9.47 25.75 6.80
O7 NAG G . -15.66 24.00 4.64
C1 NAG G . -11.22 27.92 4.75
C2 NAG G . -10.25 28.92 4.14
C3 NAG G . -10.32 30.26 4.88
C4 NAG G . -11.75 30.75 4.97
C5 NAG G . -12.66 29.66 5.55
C6 NAG G . -14.13 30.03 5.53
C7 NAG G . -8.05 28.44 3.11
C8 NAG G . -8.58 29.10 1.87
N2 NAG G . -8.89 28.39 4.16
O3 NAG G . -9.49 31.22 4.24
O4 NAG G . -11.83 31.92 5.77
O5 NAG G . -12.54 28.47 4.77
O6 NAG G . -14.87 29.18 6.40
O7 NAG G . -6.91 27.96 3.16
C1 BMA G . -12.14 33.05 4.92
C2 BMA G . -12.94 34.04 5.78
C3 BMA G . -13.09 35.38 5.03
C4 BMA G . -11.74 35.87 4.51
C5 BMA G . -11.13 34.81 3.60
C6 BMA G . -9.81 35.22 3.01
O2 BMA G . -12.27 34.32 6.98
O3 BMA G . -13.69 36.37 5.87
O4 BMA G . -11.92 37.08 3.77
O5 BMA G . -10.94 33.63 4.39
O6 BMA G . -9.47 34.30 1.98
C1 NAG H . 10.61 16.76 -4.33
C2 NAG H . 10.58 15.52 -3.48
C3 NAG H . 10.74 15.89 -2.02
C4 NAG H . 12.02 16.69 -1.82
C5 NAG H . 12.04 17.89 -2.76
C6 NAG H . 13.34 18.65 -2.73
C7 NAG H . 9.08 13.56 -3.23
C8 NAG H . 7.75 12.95 -3.62
N2 NAG H . 9.34 14.78 -3.73
O3 NAG H . 10.75 14.69 -1.25
O4 NAG H . 12.16 17.15 -0.47
O5 NAG H . 11.85 17.45 -4.12
O6 NAG H . 13.45 19.38 -1.52
O7 NAG H . 9.91 12.95 -2.54
C1 NAG H . 13.32 16.53 0.15
C2 NAG H . 13.95 17.37 1.32
C3 NAG H . 14.87 16.51 2.22
C4 NAG H . 14.26 15.16 2.54
C5 NAG H . 13.93 14.47 1.23
C6 NAG H . 13.41 13.07 1.40
C7 NAG H . 15.36 19.40 1.53
C8 NAG H . 16.10 20.46 0.77
N2 NAG H . 14.71 18.50 0.78
O3 NAG H . 15.13 17.19 3.44
O4 NAG H . 15.17 14.37 3.30
O5 NAG H . 12.89 15.25 0.62
O6 NAG H . 14.44 12.20 1.86
O7 NAG H . 15.36 19.37 2.76
C1 NAG I . -5.93 -10.76 -26.25
C2 NAG I . -6.66 -9.51 -25.85
C3 NAG I . -7.61 -9.06 -26.97
C4 NAG I . -6.89 -9.02 -28.32
C5 NAG I . -6.03 -10.27 -28.54
C6 NAG I . -5.13 -10.15 -29.76
C7 NAG I . -6.99 -9.15 -23.44
C8 NAG I . -7.82 -9.50 -22.24
N2 NAG I . -7.38 -9.71 -24.60
O3 NAG I . -8.12 -7.77 -26.66
O4 NAG I . -7.86 -8.96 -29.37
O5 NAG I . -5.19 -10.54 -27.42
O6 NAG I . -5.15 -11.35 -30.52
O7 NAG I . -6.01 -8.42 -23.36
C1 NAG I . -7.95 -7.72 -30.09
C2 NAG I . -8.97 -7.88 -31.26
C3 NAG I . -9.36 -6.52 -31.87
C4 NAG I . -9.60 -5.44 -30.83
C5 NAG I . -8.40 -5.40 -29.90
C6 NAG I . -8.47 -4.31 -28.86
C7 NAG I . -8.18 -10.04 -32.14
C8 NAG I . -7.63 -10.75 -33.35
N2 NAG I . -8.44 -8.74 -32.30
O3 NAG I . -10.53 -6.70 -32.65
O4 NAG I . -9.74 -4.18 -31.47
O5 NAG I . -8.33 -6.66 -29.24
O6 NAG I . -7.94 -3.11 -29.40
O7 NAG I . -8.40 -10.64 -31.09
C1 BMA I . -11.07 -3.64 -31.29
C2 BMA I . -10.92 -2.22 -30.70
C3 BMA I . -12.27 -1.48 -30.68
C4 BMA I . -13.01 -1.60 -32.02
C5 BMA I . -13.11 -3.07 -32.43
C6 BMA I . -13.77 -3.24 -33.79
O2 BMA I . -10.05 -1.44 -31.51
O3 BMA I . -12.08 -0.11 -30.38
O4 BMA I . -14.31 -1.05 -31.90
O5 BMA I . -11.79 -3.63 -32.52
O6 BMA I . -12.94 -2.60 -34.76
C1 MAN I . -12.73 0.20 -29.13
C2 MAN I . -13.76 1.32 -29.42
C3 MAN I . -13.06 2.62 -29.81
C4 MAN I . -11.86 2.95 -28.88
C5 MAN I . -10.97 1.72 -28.66
C6 MAN I . -9.90 1.95 -27.62
O2 MAN I . -14.55 1.62 -28.27
O3 MAN I . -13.96 3.73 -29.84
O4 MAN I . -11.08 3.99 -29.46
O5 MAN I . -11.78 0.63 -28.20
O6 MAN I . -9.38 0.68 -27.24
C1 NAG J . 4.61 -23.38 -5.33
C2 NAG J . 4.00 -24.65 -5.97
C3 NAG J . 4.46 -25.92 -5.24
C4 NAG J . 5.92 -25.90 -4.82
C5 NAG J . 6.31 -24.54 -4.25
C6 NAG J . 7.79 -24.42 -3.96
C7 NAG J . 1.71 -25.09 -6.85
C8 NAG J . 2.36 -25.80 -8.00
N2 NAG J . 2.55 -24.55 -5.93
O3 NAG J . 4.27 -27.04 -6.10
O4 NAG J . 6.07 -26.84 -3.77
O5 NAG J . 5.99 -23.53 -5.21
O6 NAG J . 8.56 -24.52 -5.15
O7 NAG J . 0.50 -24.98 -6.74
C1 NAG J . 6.72 -28.05 -4.20
C2 NAG J . 7.20 -28.69 -2.92
C3 NAG J . 7.99 -29.95 -3.23
C4 NAG J . 7.16 -30.89 -4.09
C5 NAG J . 6.55 -30.17 -5.29
C6 NAG J . 5.51 -31.01 -6.00
C7 NAG J . 8.34 -27.95 -0.86
C8 NAG J . 9.13 -26.85 -0.22
N2 NAG J . 7.98 -27.74 -2.14
O3 NAG J . 8.32 -30.60 -2.01
O4 NAG J . 7.98 -31.94 -4.56
O5 NAG J . 5.89 -28.96 -4.91
O6 NAG J . 4.30 -31.06 -5.27
O7 NAG J . 8.05 -28.99 -0.26
#